data_6HWL
#
_entry.id   6HWL
#
_cell.length_a   58.764
_cell.length_b   97.435
_cell.length_c   80.188
_cell.angle_alpha   90.00
_cell.angle_beta   107.42
_cell.angle_gamma   90.00
#
_symmetry.space_group_name_H-M   'P 1 21 1'
#
loop_
_entity.id
_entity.type
_entity.pdbx_description
1 polymer 'Glucosamine kinase'
2 non-polymer 'CHLORIDE ION'
3 non-polymer 2-[BIS-(2-HYDROXY-ETHYL)-AMINO]-2-HYDROXYMETHYL-PROPANE-1,3-DIOL
4 non-polymer DI(HYDROXYETHYL)ETHER
5 non-polymer "ADENOSINE-5'-DIPHOSPHATE"
6 non-polymer 'MAGNESIUM ION'
7 non-polymer 'PHOSPHATE ION'
8 non-polymer 2-amino-2-deoxy-beta-D-glucopyranose
9 water water
#
_entity_poly.entity_id   1
_entity_poly.type   'polypeptide(L)'
_entity_poly.pdbx_seq_one_letter_code
;MTPNWSELVAAADPALVLPSGERRAEVAVPGPLRLDALLDLGEGHAVGVVRSADAARWTVPLVRDGAGGVRRSRPGDGTA
EHLVAALARRGATPDAAFVLEAFTGAAPVTGERGIIVDQTNESVIVGECAVVKWAVRLPAEGEPGSPAAQRIAALARGGF
TEMPRPWGLLTLAEGAQPVLLASVVAYLPGALDGWDWAVDDVRRLARGELTMDQALLPAAQLGTLTARMHAALAARGRTP
ATAADVAAWGVRMREELDEAVASVPGAEGERLKAWAPRIADVYAELDALAGTPLIDVHGDFHVGQILRADGRYAVVDFDG
NPVLPADQRAARQPAALDVVGMTASLDHVGRVVVFRTPDVDPAPVRAWIAAAQRSFLDAYRTTLARLDADDLFDDRLLTP
LRYAQEVREYLYAVRHLPHWVYVPDLSLTDLLPERLKDKLAAALEHHHHHH
;
_entity_poly.pdbx_strand_id   A,B
#
loop_
_chem_comp.id
_chem_comp.type
_chem_comp.name
_chem_comp.formula
ADP non-polymer ADENOSINE-5'-DIPHOSPHATE 'C10 H15 N5 O10 P2'
BTB non-polymer 2-[BIS-(2-HYDROXY-ETHYL)-AMINO]-2-HYDROXYMETHYL-PROPANE-1,3-DIOL 'C8 H19 N O5'
CL non-polymer 'CHLORIDE ION' 'Cl -1'
GCS D-saccharide, beta linking 2-amino-2-deoxy-beta-D-glucopyranose 'C6 H13 N O5'
MG non-polymer 'MAGNESIUM ION' 'Mg 2'
PEG non-polymer DI(HYDROXYETHYL)ETHER 'C4 H10 O3'
PO4 non-polymer 'PHOSPHATE ION' 'O4 P -3'
#
# COMPACT_ATOMS: atom_id res chain seq x y z
N MET A 1 -19.01 -41.22 -50.90
CA MET A 1 -20.44 -40.99 -51.07
C MET A 1 -20.95 -39.93 -50.09
N THR A 2 -20.77 -40.18 -48.80
CA THR A 2 -21.22 -39.22 -47.79
C THR A 2 -20.32 -37.98 -47.83
N PRO A 3 -20.90 -36.79 -47.97
CA PRO A 3 -20.06 -35.58 -48.04
C PRO A 3 -19.43 -35.25 -46.70
N ASN A 4 -18.31 -34.54 -46.75
CA ASN A 4 -17.63 -34.13 -45.54
C ASN A 4 -18.35 -32.94 -44.92
N TRP A 5 -17.90 -32.55 -43.72
CA TRP A 5 -18.52 -31.44 -43.01
C TRP A 5 -18.34 -30.12 -43.75
N SER A 6 -17.22 -29.94 -44.46
CA SER A 6 -16.99 -28.69 -45.18
C SER A 6 -18.02 -28.49 -46.29
N GLU A 7 -18.40 -29.57 -46.97
CA GLU A 7 -19.39 -29.45 -48.05
C GLU A 7 -20.78 -29.14 -47.50
N LEU A 8 -21.15 -29.75 -46.37
CA LEU A 8 -22.46 -29.50 -45.79
C LEU A 8 -22.57 -28.06 -45.27
N VAL A 9 -21.52 -27.56 -44.64
CA VAL A 9 -21.56 -26.20 -44.08
C VAL A 9 -21.63 -25.17 -45.19
N ALA A 10 -20.86 -25.36 -46.27
CA ALA A 10 -20.88 -24.42 -47.38
C ALA A 10 -22.25 -24.37 -48.04
N ALA A 11 -22.96 -25.50 -48.10
CA ALA A 11 -24.28 -25.57 -48.71
C ALA A 11 -25.40 -25.26 -47.73
N ALA A 12 -25.09 -24.90 -46.50
CA ALA A 12 -26.11 -24.64 -45.48
C ALA A 12 -26.53 -23.18 -45.51
N ASP A 13 -27.74 -22.93 -45.02
CA ASP A 13 -28.24 -21.56 -44.92
C ASP A 13 -27.39 -20.77 -43.93
N PRO A 14 -27.11 -19.49 -44.22
CA PRO A 14 -26.26 -18.71 -43.31
C PRO A 14 -26.79 -18.61 -41.89
N ALA A 15 -28.10 -18.76 -41.68
CA ALA A 15 -28.64 -18.76 -40.33
C ALA A 15 -28.18 -19.94 -39.50
N LEU A 16 -27.41 -20.86 -40.09
CA LEU A 16 -26.87 -21.99 -39.34
C LEU A 16 -26.06 -21.54 -38.13
N VAL A 17 -25.34 -20.42 -38.26
CA VAL A 17 -24.50 -19.93 -37.17
C VAL A 17 -25.27 -19.23 -36.07
N LEU A 18 -26.58 -19.07 -36.23
CA LEU A 18 -27.38 -18.35 -35.24
C LEU A 18 -28.22 -19.32 -34.41
N PRO A 19 -28.28 -19.13 -33.09
CA PRO A 19 -29.12 -19.94 -32.20
C PRO A 19 -30.61 -19.77 -32.50
N GLU A 26 -34.35 -11.06 -34.41
CA GLU A 26 -33.78 -11.70 -35.59
C GLU A 26 -32.70 -10.85 -36.25
N VAL A 27 -31.77 -11.51 -36.95
CA VAL A 27 -30.69 -10.84 -37.65
C VAL A 27 -30.25 -11.76 -38.79
N ALA A 28 -29.62 -11.17 -39.80
CA ALA A 28 -29.21 -11.88 -41.00
C ALA A 28 -27.69 -11.92 -41.10
N VAL A 29 -27.15 -13.08 -41.44
CA VAL A 29 -25.72 -13.26 -41.66
C VAL A 29 -25.48 -13.46 -43.15
N PRO A 30 -24.41 -12.90 -43.72
CA PRO A 30 -24.17 -13.07 -45.15
C PRO A 30 -23.53 -14.42 -45.46
N GLY A 31 -23.95 -15.01 -46.58
CA GLY A 31 -23.42 -16.28 -47.02
C GLY A 31 -22.58 -16.15 -48.26
N PRO A 32 -21.98 -17.27 -48.71
CA PRO A 32 -22.08 -18.59 -48.07
C PRO A 32 -21.13 -18.76 -46.90
N LEU A 33 -21.29 -19.85 -46.16
CA LEU A 33 -20.47 -20.12 -45.00
C LEU A 33 -19.23 -20.92 -45.39
N ARG A 34 -18.22 -20.87 -44.52
CA ARG A 34 -16.97 -21.60 -44.72
C ARG A 34 -16.56 -22.26 -43.42
N LEU A 35 -16.18 -23.53 -43.48
CA LEU A 35 -15.79 -24.29 -42.30
C LEU A 35 -14.28 -24.18 -42.13
N ASP A 36 -13.85 -23.55 -41.04
CA ASP A 36 -12.43 -23.38 -40.75
C ASP A 36 -11.86 -24.55 -39.96
N ALA A 37 -12.61 -25.06 -38.98
CA ALA A 37 -12.16 -26.17 -38.16
C ALA A 37 -13.36 -26.96 -37.68
N LEU A 38 -13.15 -28.26 -37.46
CA LEU A 38 -14.24 -29.17 -37.11
C LEU A 38 -13.74 -30.17 -36.08
N LEU A 39 -14.42 -30.25 -34.94
CA LEU A 39 -14.14 -31.26 -33.92
C LEU A 39 -15.22 -32.33 -34.03
N ASP A 40 -14.82 -33.54 -34.43
CA ASP A 40 -15.75 -34.64 -34.58
C ASP A 40 -16.03 -35.23 -33.19
N LEU A 41 -17.29 -35.11 -32.75
CA LEU A 41 -17.70 -35.68 -31.47
C LEU A 41 -18.31 -37.06 -31.59
N GLY A 42 -18.49 -37.56 -32.81
CA GLY A 42 -19.00 -38.91 -33.01
C GLY A 42 -20.50 -38.95 -33.16
N GLU A 43 -20.96 -39.95 -33.91
CA GLU A 43 -22.40 -40.22 -34.08
C GLU A 43 -23.13 -39.03 -34.69
N GLY A 44 -22.48 -38.35 -35.62
CA GLY A 44 -23.10 -37.23 -36.31
C GLY A 44 -23.03 -35.90 -35.59
N HIS A 45 -22.42 -35.84 -34.42
CA HIS A 45 -22.27 -34.60 -33.67
C HIS A 45 -20.89 -34.01 -33.89
N ALA A 46 -20.82 -32.68 -33.88
CA ALA A 46 -19.55 -32.01 -34.11
C ALA A 46 -19.63 -30.58 -33.61
N VAL A 47 -18.46 -29.98 -33.42
CA VAL A 47 -18.31 -28.56 -33.10
C VAL A 47 -17.51 -27.93 -34.22
N GLY A 48 -18.13 -26.98 -34.92
CA GLY A 48 -17.50 -26.33 -36.06
C GLY A 48 -17.14 -24.89 -35.75
N VAL A 49 -16.04 -24.43 -36.35
CA VAL A 49 -15.68 -23.03 -36.35
C VAL A 49 -16.01 -22.51 -37.75
N VAL A 50 -17.13 -21.80 -37.86
CA VAL A 50 -17.69 -21.39 -39.15
C VAL A 50 -17.45 -19.90 -39.34
N ARG A 51 -17.05 -19.53 -40.54
CA ARG A 51 -16.80 -18.14 -40.92
C ARG A 51 -17.80 -17.74 -41.99
N SER A 52 -18.50 -16.63 -41.77
CA SER A 52 -19.50 -16.14 -42.70
C SER A 52 -18.84 -15.29 -43.79
N ALA A 53 -19.67 -14.72 -44.67
CA ALA A 53 -19.15 -13.96 -45.80
C ALA A 53 -18.55 -12.62 -45.37
N ASP A 54 -18.91 -12.11 -44.19
CA ASP A 54 -18.36 -10.87 -43.68
C ASP A 54 -17.15 -11.10 -42.77
N ALA A 55 -16.47 -12.23 -42.93
CA ALA A 55 -15.28 -12.59 -42.15
C ALA A 55 -15.57 -12.71 -40.65
N ALA A 56 -16.83 -12.94 -40.28
CA ALA A 56 -17.20 -13.15 -38.89
C ALA A 56 -17.16 -14.63 -38.57
N ARG A 57 -16.49 -14.99 -37.48
CA ARG A 57 -16.33 -16.38 -37.09
C ARG A 57 -17.33 -16.75 -36.00
N TRP A 58 -17.76 -18.01 -36.01
CA TRP A 58 -18.79 -18.50 -35.12
C TRP A 58 -18.42 -19.90 -34.63
N THR A 59 -18.80 -20.20 -33.39
CA THR A 59 -18.79 -21.56 -32.88
C THR A 59 -20.20 -22.13 -33.06
N VAL A 60 -20.31 -23.19 -33.84
CA VAL A 60 -21.60 -23.76 -34.20
C VAL A 60 -21.61 -25.23 -33.76
N PRO A 61 -22.48 -25.62 -32.83
CA PRO A 61 -22.72 -27.05 -32.59
C PRO A 61 -23.49 -27.65 -33.76
N LEU A 62 -22.88 -28.62 -34.42
CA LEU A 62 -23.42 -29.18 -35.65
C LEU A 62 -23.93 -30.60 -35.42
N VAL A 63 -24.99 -30.95 -36.13
CA VAL A 63 -25.56 -32.29 -36.09
C VAL A 63 -26.04 -32.65 -37.49
N ARG A 64 -25.64 -33.83 -37.97
CA ARG A 64 -26.10 -34.30 -39.27
C ARG A 64 -27.53 -34.79 -39.16
N ASP A 65 -28.36 -34.39 -40.11
CA ASP A 65 -29.78 -34.75 -40.10
C ASP A 65 -30.18 -35.17 -41.50
N GLY A 66 -30.82 -36.33 -41.61
CA GLY A 66 -31.23 -36.85 -42.91
C GLY A 66 -32.24 -35.98 -43.63
N ALA A 67 -32.83 -35.00 -42.96
CA ALA A 67 -33.80 -34.13 -43.61
C ALA A 67 -33.13 -33.03 -44.43
N GLY A 68 -32.12 -32.38 -43.85
CA GLY A 68 -31.47 -31.28 -44.54
C GLY A 68 -29.95 -31.41 -44.62
N GLY A 69 -29.42 -32.60 -44.34
CA GLY A 69 -28.00 -32.82 -44.40
C GLY A 69 -27.29 -32.45 -43.11
N VAL A 70 -27.37 -31.17 -42.73
CA VAL A 70 -26.75 -30.69 -41.52
C VAL A 70 -27.60 -29.55 -40.97
N ARG A 71 -27.54 -29.36 -39.66
CA ARG A 71 -28.24 -28.24 -39.03
C ARG A 71 -27.57 -27.94 -37.70
N ARG A 72 -27.95 -26.83 -37.10
CA ARG A 72 -27.40 -26.42 -35.82
C ARG A 72 -28.05 -27.23 -34.70
N SER A 73 -27.23 -27.67 -33.75
CA SER A 73 -27.72 -28.49 -32.66
C SER A 73 -28.68 -27.69 -31.78
N ARG A 74 -29.78 -28.33 -31.40
CA ARG A 74 -30.76 -27.79 -30.49
C ARG A 74 -30.71 -28.53 -29.16
N PRO A 75 -31.18 -27.91 -28.08
CA PRO A 75 -31.32 -28.64 -26.81
C PRO A 75 -32.20 -29.87 -26.99
N GLY A 76 -31.61 -31.06 -26.84
CA GLY A 76 -32.29 -32.32 -27.08
C GLY A 76 -31.69 -33.14 -28.20
N ASP A 77 -30.85 -32.54 -29.05
CA ASP A 77 -30.21 -33.29 -30.12
C ASP A 77 -29.11 -34.19 -29.58
N GLY A 78 -28.52 -33.84 -28.44
CA GLY A 78 -27.48 -34.64 -27.83
C GLY A 78 -26.06 -34.17 -28.09
N THR A 79 -25.87 -32.99 -28.67
CA THR A 79 -24.52 -32.52 -28.96
C THR A 79 -23.82 -32.02 -27.71
N ALA A 80 -24.56 -31.34 -26.82
CA ALA A 80 -23.96 -30.94 -25.55
C ALA A 80 -23.60 -32.16 -24.70
N GLU A 81 -24.42 -33.20 -24.76
CA GLU A 81 -24.09 -34.45 -24.08
C GLU A 81 -22.80 -35.06 -24.62
N HIS A 82 -22.62 -35.02 -25.95
CA HIS A 82 -21.43 -35.60 -26.56
C HIS A 82 -20.18 -34.80 -26.22
N LEU A 83 -20.31 -33.48 -26.09
CA LEU A 83 -19.17 -32.68 -25.62
C LEU A 83 -18.80 -33.06 -24.19
N VAL A 84 -19.79 -33.14 -23.31
CA VAL A 84 -19.53 -33.52 -21.93
C VAL A 84 -18.96 -34.93 -21.86
N ALA A 85 -19.51 -35.84 -22.67
CA ALA A 85 -18.99 -37.21 -22.70
C ALA A 85 -17.56 -37.25 -23.20
N ALA A 86 -17.22 -36.40 -24.17
CA ALA A 86 -15.84 -36.32 -24.64
C ALA A 86 -14.89 -35.83 -23.55
N LEU A 87 -15.41 -35.03 -22.60
CA LEU A 87 -14.60 -34.62 -21.46
C LEU A 87 -14.33 -35.80 -20.54
N ALA A 88 -15.33 -36.64 -20.29
CA ALA A 88 -15.17 -37.81 -19.43
C ALA A 88 -14.39 -38.90 -20.14
N ARG A 89 -13.11 -38.66 -20.41
CA ARG A 89 -12.26 -39.62 -21.08
C ARG A 89 -10.79 -39.28 -20.88
N PRO A 94 -9.45 -36.26 -32.33
CA PRO A 94 -8.58 -35.29 -31.66
C PRO A 94 -7.81 -34.42 -32.64
N ASP A 95 -8.49 -33.43 -33.22
CA ASP A 95 -7.85 -32.55 -34.18
C ASP A 95 -6.79 -31.69 -33.50
N ALA A 96 -5.70 -31.42 -34.22
CA ALA A 96 -4.60 -30.63 -33.66
C ALA A 96 -4.99 -29.18 -33.41
N ALA A 97 -6.01 -28.68 -34.09
CA ALA A 97 -6.45 -27.31 -33.92
C ALA A 97 -7.26 -27.09 -32.65
N PHE A 98 -7.70 -28.15 -31.99
CA PHE A 98 -8.55 -28.06 -30.81
C PHE A 98 -7.81 -28.54 -29.57
N VAL A 99 -8.20 -27.99 -28.42
CA VAL A 99 -7.68 -28.42 -27.13
C VAL A 99 -8.87 -28.73 -26.23
N LEU A 100 -8.95 -29.99 -25.78
CA LEU A 100 -9.99 -30.43 -24.86
C LEU A 100 -9.33 -30.71 -23.51
N GLU A 101 -9.62 -29.86 -22.53
CA GLU A 101 -9.09 -30.01 -21.18
C GLU A 101 -10.26 -30.31 -20.24
N ALA A 102 -10.20 -31.46 -19.58
CA ALA A 102 -11.19 -31.86 -18.61
C ALA A 102 -10.66 -31.65 -17.19
N PHE A 103 -11.57 -31.39 -16.26
CA PHE A 103 -11.22 -31.19 -14.87
C PHE A 103 -11.95 -32.19 -14.00
N THR A 104 -11.42 -32.39 -12.78
CA THR A 104 -11.99 -33.35 -11.85
C THR A 104 -13.45 -33.02 -11.56
N GLY A 105 -14.33 -34.01 -11.74
CA GLY A 105 -15.76 -33.83 -11.54
C GLY A 105 -16.59 -33.98 -12.79
N ALA A 106 -15.99 -33.97 -13.97
CA ALA A 106 -16.76 -34.15 -15.20
C ALA A 106 -17.28 -35.57 -15.28
N ALA A 107 -18.57 -35.70 -15.57
CA ALA A 107 -19.24 -37.00 -15.67
C ALA A 107 -20.12 -37.00 -16.91
N PRO A 108 -20.25 -38.16 -17.58
CA PRO A 108 -21.05 -38.21 -18.83
C PRO A 108 -22.55 -38.22 -18.57
N VAL A 109 -23.07 -37.09 -18.08
CA VAL A 109 -24.49 -36.99 -17.80
C VAL A 109 -25.26 -36.81 -19.09
N THR A 110 -26.57 -37.08 -19.03
CA THR A 110 -27.42 -37.06 -20.21
C THR A 110 -28.68 -36.24 -19.92
N GLY A 111 -29.38 -35.89 -21.01
CA GLY A 111 -30.55 -35.04 -20.90
C GLY A 111 -30.21 -33.57 -21.06
N GLU A 112 -30.82 -32.91 -22.03
CA GLU A 112 -30.52 -31.52 -22.34
C GLU A 112 -31.74 -30.64 -22.12
N ARG A 113 -31.47 -29.38 -21.78
CA ARG A 113 -32.54 -28.40 -21.56
C ARG A 113 -31.97 -27.01 -21.78
N GLY A 114 -32.65 -26.22 -22.59
CA GLY A 114 -32.15 -24.89 -22.91
C GLY A 114 -32.33 -23.91 -21.76
N ILE A 115 -31.38 -23.00 -21.64
CA ILE A 115 -31.40 -21.98 -20.58
C ILE A 115 -30.77 -20.70 -21.13
N ILE A 116 -31.24 -19.57 -20.61
CA ILE A 116 -30.76 -18.27 -21.02
C ILE A 116 -29.96 -17.67 -19.87
N VAL A 117 -28.65 -17.60 -20.04
CA VAL A 117 -27.77 -17.02 -19.02
C VAL A 117 -26.46 -16.57 -19.66
N ASN A 121 -22.73 -17.83 -25.17
CA ASN A 121 -23.94 -17.02 -25.17
C ASN A 121 -25.19 -17.87 -25.44
N GLU A 122 -24.98 -19.16 -25.66
CA GLU A 122 -26.07 -20.13 -25.72
C GLU A 122 -25.76 -21.24 -24.72
N SER A 123 -26.54 -21.30 -23.65
CA SER A 123 -26.28 -22.22 -22.55
C SER A 123 -27.28 -23.37 -22.59
N VAL A 124 -26.79 -24.58 -22.33
CA VAL A 124 -27.60 -25.78 -22.33
C VAL A 124 -27.34 -26.55 -21.04
N ILE A 125 -28.39 -26.83 -20.29
CA ILE A 125 -28.28 -27.62 -19.07
C ILE A 125 -28.22 -29.09 -19.43
N VAL A 126 -27.19 -29.79 -18.98
CA VAL A 126 -27.01 -31.21 -19.24
C VAL A 126 -27.06 -31.96 -17.92
N GLY A 127 -27.91 -32.99 -17.86
CA GLY A 127 -28.00 -33.84 -16.68
C GLY A 127 -28.54 -33.13 -15.46
N GLU A 128 -29.06 -31.92 -15.67
CA GLU A 128 -29.57 -31.07 -14.59
C GLU A 128 -28.51 -30.86 -13.50
N CYS A 129 -27.25 -30.75 -13.91
CA CYS A 129 -26.17 -30.58 -12.95
C CYS A 129 -24.94 -29.95 -13.61
N ALA A 130 -25.02 -29.69 -14.92
CA ALA A 130 -23.91 -29.09 -15.65
C ALA A 130 -24.46 -28.09 -16.66
N VAL A 131 -23.66 -27.06 -16.93
CA VAL A 131 -24.02 -26.01 -17.88
C VAL A 131 -23.00 -26.02 -19.00
N VAL A 132 -23.47 -26.25 -20.23
CA VAL A 132 -22.65 -26.12 -21.43
C VAL A 132 -22.96 -24.78 -22.07
N LYS A 133 -21.92 -23.99 -22.33
CA LYS A 133 -22.08 -22.66 -22.91
C LYS A 133 -21.30 -22.59 -24.21
N TRP A 134 -22.00 -22.42 -25.33
CA TRP A 134 -21.37 -22.23 -26.62
C TRP A 134 -21.07 -20.76 -26.83
N ALA A 135 -19.80 -20.46 -27.17
CA ALA A 135 -19.40 -19.09 -27.49
C ALA A 135 -19.79 -18.79 -28.93
N VAL A 136 -21.00 -18.25 -29.10
CA VAL A 136 -21.57 -18.09 -30.44
C VAL A 136 -20.67 -17.23 -31.32
N ARG A 137 -20.35 -16.03 -30.85
CA ARG A 137 -19.53 -15.10 -31.62
C ARG A 137 -18.06 -15.24 -31.20
N LEU A 138 -17.19 -15.38 -32.19
CA LEU A 138 -15.75 -15.53 -31.99
C LEU A 138 -14.99 -14.34 -32.55
N PRO A 139 -13.81 -14.04 -32.01
CA PRO A 139 -12.96 -13.01 -32.60
C PRO A 139 -12.34 -13.51 -33.90
N ALA A 140 -11.68 -12.58 -34.59
CA ALA A 140 -10.99 -12.93 -35.82
C ALA A 140 -9.79 -13.84 -35.52
N GLU A 141 -9.32 -14.52 -36.55
CA GLU A 141 -8.20 -15.45 -36.40
C GLU A 141 -6.95 -14.70 -35.97
N GLY A 142 -6.38 -15.10 -34.84
CA GLY A 142 -5.21 -14.45 -34.28
C GLY A 142 -5.50 -13.27 -33.39
N GLU A 143 -6.74 -12.76 -33.37
CA GLU A 143 -7.11 -11.64 -32.54
C GLU A 143 -7.55 -12.10 -31.16
N PRO A 144 -7.26 -11.31 -30.12
CA PRO A 144 -7.67 -11.70 -28.77
C PRO A 144 -9.19 -11.70 -28.62
N GLY A 145 -9.67 -12.58 -27.75
CA GLY A 145 -11.08 -12.71 -27.47
C GLY A 145 -11.32 -12.80 -25.97
N SER A 146 -12.38 -13.53 -25.63
CA SER A 146 -12.73 -13.74 -24.23
C SER A 146 -11.64 -14.53 -23.52
N PRO A 147 -11.08 -14.02 -22.43
CA PRO A 147 -10.05 -14.78 -21.70
C PRO A 147 -10.64 -15.74 -20.68
N ALA A 148 -11.93 -16.04 -20.81
CA ALA A 148 -12.62 -16.85 -19.81
C ALA A 148 -11.98 -18.22 -19.64
N ALA A 149 -11.53 -18.83 -20.75
CA ALA A 149 -10.89 -20.12 -20.65
C ALA A 149 -9.55 -20.03 -19.95
N GLN A 150 -8.81 -18.94 -20.18
CA GLN A 150 -7.55 -18.74 -19.48
C GLN A 150 -7.77 -18.52 -17.99
N ARG A 151 -8.80 -17.74 -17.63
CA ARG A 151 -9.06 -17.45 -16.22
C ARG A 151 -9.50 -18.71 -15.48
N ILE A 152 -10.47 -19.43 -16.04
CA ILE A 152 -11.01 -20.61 -15.35
C ILE A 152 -9.95 -21.69 -15.21
N ALA A 153 -9.15 -21.92 -16.26
CA ALA A 153 -8.12 -22.94 -16.19
C ALA A 153 -7.06 -22.60 -15.17
N ALA A 154 -6.70 -21.31 -15.06
CA ALA A 154 -5.70 -20.92 -14.08
C ALA A 154 -6.22 -21.10 -12.66
N LEU A 155 -7.49 -20.78 -12.42
CA LEU A 155 -8.06 -20.95 -11.09
C LEU A 155 -8.18 -22.43 -10.73
N ALA A 156 -8.48 -23.28 -11.70
CA ALA A 156 -8.59 -24.71 -11.43
C ALA A 156 -7.22 -25.31 -11.11
N ARG A 157 -6.21 -24.97 -11.90
CA ARG A 157 -4.87 -25.50 -11.66
C ARG A 157 -4.22 -24.91 -10.41
N GLY A 158 -4.73 -23.79 -9.92
CA GLY A 158 -4.20 -23.16 -8.72
C GLY A 158 -4.90 -23.54 -7.44
N GLY A 159 -5.89 -24.41 -7.48
CA GLY A 159 -6.61 -24.82 -6.29
C GLY A 159 -7.76 -23.93 -5.89
N PHE A 160 -8.11 -22.95 -6.70
CA PHE A 160 -9.25 -22.08 -6.40
C PHE A 160 -10.55 -22.84 -6.63
N THR A 161 -11.39 -22.89 -5.61
CA THR A 161 -12.65 -23.63 -5.67
C THR A 161 -13.88 -22.76 -5.46
N GLU A 162 -13.72 -21.47 -5.15
CA GLU A 162 -14.87 -20.60 -4.90
C GLU A 162 -15.44 -20.10 -6.23
N MET A 163 -15.90 -21.06 -7.02
CA MET A 163 -16.51 -20.84 -8.32
C MET A 163 -17.26 -22.10 -8.70
N PRO A 164 -18.17 -22.03 -9.67
CA PRO A 164 -18.79 -23.26 -10.18
C PRO A 164 -17.71 -24.22 -10.64
N ARG A 165 -17.81 -25.47 -10.17
CA ARG A 165 -16.80 -26.46 -10.48
C ARG A 165 -16.65 -26.61 -11.98
N PRO A 166 -15.47 -26.33 -12.55
CA PRO A 166 -15.30 -26.50 -14.00
C PRO A 166 -15.22 -27.98 -14.35
N TRP A 167 -15.95 -28.36 -15.40
CA TRP A 167 -15.89 -29.72 -15.91
C TRP A 167 -14.93 -29.86 -17.09
N GLY A 168 -14.92 -28.88 -17.99
CA GLY A 168 -14.06 -28.95 -19.15
C GLY A 168 -14.09 -27.65 -19.93
N LEU A 169 -13.09 -27.50 -20.78
CA LEU A 169 -12.98 -26.34 -21.67
C LEU A 169 -12.62 -26.81 -23.06
N LEU A 170 -13.31 -26.27 -24.06
CA LEU A 170 -13.00 -26.52 -25.46
C LEU A 170 -12.47 -25.23 -26.06
N THR A 171 -11.22 -25.26 -26.54
CA THR A 171 -10.58 -24.07 -27.08
C THR A 171 -10.00 -24.36 -28.45
N LEU A 172 -9.81 -23.31 -29.22
CA LEU A 172 -9.18 -23.36 -30.53
C LEU A 172 -7.73 -22.92 -30.39
N ALA A 173 -6.80 -23.82 -30.72
CA ALA A 173 -5.38 -23.55 -30.53
C ALA A 173 -4.87 -22.54 -31.54
N GLU A 174 -4.97 -21.25 -31.20
CA GLU A 174 -4.50 -20.19 -32.07
C GLU A 174 -4.32 -18.92 -31.24
N GLY A 175 -3.52 -18.00 -31.78
CA GLY A 175 -3.29 -16.73 -31.13
C GLY A 175 -2.43 -16.86 -29.88
N ALA A 176 -2.25 -15.72 -29.20
CA ALA A 176 -1.48 -15.71 -27.96
C ALA A 176 -2.21 -16.47 -26.85
N GLN A 177 -3.53 -16.45 -26.85
CA GLN A 177 -4.33 -17.20 -25.90
C GLN A 177 -5.32 -18.06 -26.65
N PRO A 178 -5.64 -19.25 -26.13
CA PRO A 178 -6.60 -20.11 -26.80
C PRO A 178 -7.98 -19.48 -26.84
N VAL A 179 -8.65 -19.63 -27.99
CA VAL A 179 -9.97 -19.05 -28.20
C VAL A 179 -11.02 -19.99 -27.62
N LEU A 180 -11.80 -19.47 -26.67
CA LEU A 180 -12.85 -20.27 -26.04
C LEU A 180 -13.94 -20.59 -27.05
N LEU A 181 -14.27 -21.88 -27.17
CA LEU A 181 -15.38 -22.35 -27.99
C LEU A 181 -16.55 -22.87 -27.17
N ALA A 182 -16.27 -23.54 -26.05
CA ALA A 182 -17.32 -24.04 -25.17
C ALA A 182 -16.73 -24.26 -23.79
N SER A 183 -17.56 -24.05 -22.78
CA SER A 183 -17.18 -24.29 -21.39
C SER A 183 -18.27 -25.11 -20.72
N VAL A 184 -17.84 -25.99 -19.81
CA VAL A 184 -18.75 -26.83 -19.04
C VAL A 184 -18.42 -26.65 -17.56
N VAL A 185 -19.38 -26.17 -16.79
CA VAL A 185 -19.23 -25.97 -15.36
C VAL A 185 -20.45 -26.55 -14.65
N ALA A 186 -20.34 -26.66 -13.33
CA ALA A 186 -21.43 -27.19 -12.53
C ALA A 186 -22.62 -26.24 -12.55
N TYR A 187 -23.83 -26.83 -12.54
CA TYR A 187 -25.06 -26.07 -12.53
C TYR A 187 -25.50 -25.82 -11.09
N LEU A 188 -25.77 -24.55 -10.77
CA LEU A 188 -26.17 -24.13 -9.42
C LEU A 188 -27.58 -23.55 -9.51
N PRO A 189 -28.61 -24.41 -9.47
CA PRO A 189 -29.98 -23.89 -9.67
C PRO A 189 -30.47 -23.03 -8.52
N GLY A 190 -30.03 -23.28 -7.30
CA GLY A 190 -30.49 -22.51 -6.15
C GLY A 190 -29.45 -21.58 -5.59
N ALA A 191 -29.00 -20.62 -6.41
CA ALA A 191 -27.97 -19.67 -6.00
C ALA A 191 -28.33 -18.28 -6.49
N LEU A 192 -28.27 -17.31 -5.60
CA LEU A 192 -28.54 -15.91 -5.92
C LEU A 192 -27.23 -15.16 -6.09
N ASP A 193 -27.27 -14.08 -6.87
CA ASP A 193 -26.10 -13.24 -7.04
C ASP A 193 -26.08 -12.15 -5.97
N GLY A 194 -24.97 -11.40 -5.94
CA GLY A 194 -24.75 -10.46 -4.85
C GLY A 194 -25.77 -9.35 -4.77
N TRP A 195 -26.31 -8.92 -5.91
CA TRP A 195 -27.34 -7.88 -5.86
C TRP A 195 -28.63 -8.38 -5.21
N ASP A 196 -28.72 -9.67 -4.90
CA ASP A 196 -29.84 -10.20 -4.13
C ASP A 196 -29.47 -10.44 -2.67
N TRP A 197 -28.42 -11.22 -2.42
CA TRP A 197 -28.14 -11.61 -1.03
C TRP A 197 -27.42 -10.50 -0.25
N ALA A 198 -26.58 -9.69 -0.92
CA ALA A 198 -25.92 -8.61 -0.19
C ALA A 198 -26.92 -7.51 0.15
N VAL A 199 -27.84 -7.20 -0.77
CA VAL A 199 -28.92 -6.27 -0.47
C VAL A 199 -29.79 -6.81 0.66
N ASP A 200 -30.04 -8.12 0.65
CA ASP A 200 -30.87 -8.72 1.69
C ASP A 200 -30.16 -8.70 3.04
N ASP A 201 -28.83 -8.89 3.05
CA ASP A 201 -28.08 -8.85 4.30
C ASP A 201 -28.14 -7.47 4.94
N VAL A 202 -27.99 -6.42 4.14
CA VAL A 202 -27.97 -5.07 4.69
C VAL A 202 -29.36 -4.65 5.15
N ARG A 203 -30.39 -5.07 4.40
CA ARG A 203 -31.76 -4.78 4.82
C ARG A 203 -32.08 -5.43 6.17
N ARG A 204 -31.66 -6.69 6.36
CA ARG A 204 -31.86 -7.33 7.65
C ARG A 204 -31.06 -6.62 8.74
N LEU A 205 -29.87 -6.12 8.41
CA LEU A 205 -29.09 -5.34 9.36
C LEU A 205 -29.82 -4.05 9.74
N ALA A 206 -30.42 -3.38 8.75
CA ALA A 206 -31.07 -2.10 9.00
C ALA A 206 -32.27 -2.23 9.92
N ARG A 207 -32.97 -3.36 9.89
CA ARG A 207 -34.14 -3.56 10.74
C ARG A 207 -33.85 -4.46 11.94
N GLY A 208 -32.58 -4.65 12.28
CA GLY A 208 -32.21 -5.32 13.51
C GLY A 208 -32.20 -6.83 13.48
N GLU A 209 -32.38 -7.44 12.31
CA GLU A 209 -32.37 -8.90 12.24
C GLU A 209 -30.96 -9.48 12.22
N LEU A 210 -29.96 -8.71 11.81
CA LEU A 210 -28.57 -9.13 11.84
C LEU A 210 -27.76 -8.10 12.62
N THR A 211 -26.72 -8.58 13.30
CA THR A 211 -25.78 -7.67 13.94
C THR A 211 -24.82 -7.12 12.90
N MET A 212 -24.10 -6.06 13.29
CA MET A 212 -23.09 -5.50 12.39
C MET A 212 -22.01 -6.52 12.07
N ASP A 213 -21.61 -7.31 13.05
CA ASP A 213 -20.59 -8.34 12.82
C ASP A 213 -21.07 -9.38 11.83
N GLN A 214 -22.35 -9.77 11.91
CA GLN A 214 -22.88 -10.75 10.97
C GLN A 214 -22.98 -10.17 9.57
N ALA A 215 -23.36 -8.90 9.44
CA ALA A 215 -23.50 -8.26 8.14
C ALA A 215 -22.15 -7.93 7.50
N LEU A 216 -21.09 -7.82 8.30
CA LEU A 216 -19.76 -7.55 7.76
C LEU A 216 -19.01 -8.81 7.37
N LEU A 217 -19.41 -9.97 7.88
CA LEU A 217 -18.70 -11.21 7.56
C LEU A 217 -18.68 -11.52 6.06
N PRO A 218 -19.77 -11.39 5.29
CA PRO A 218 -19.66 -11.61 3.84
C PRO A 218 -18.63 -10.71 3.17
N ALA A 219 -18.51 -9.45 3.62
CA ALA A 219 -17.52 -8.56 3.03
C ALA A 219 -16.10 -9.09 3.26
N ALA A 220 -15.83 -9.63 4.45
CA ALA A 220 -14.53 -10.23 4.70
C ALA A 220 -14.34 -11.51 3.89
N GLN A 221 -15.40 -12.31 3.75
CA GLN A 221 -15.29 -13.52 2.95
C GLN A 221 -15.06 -13.19 1.49
N LEU A 222 -15.61 -12.07 1.00
CA LEU A 222 -15.32 -11.64 -0.36
C LEU A 222 -13.86 -11.22 -0.51
N GLY A 223 -13.28 -10.61 0.52
CA GLY A 223 -11.88 -10.24 0.46
C GLY A 223 -10.97 -11.46 0.37
N THR A 224 -11.29 -12.50 1.14
CA THR A 224 -10.51 -13.73 1.06
C THR A 224 -10.64 -14.38 -0.31
N LEU A 225 -11.84 -14.41 -0.86
CA LEU A 225 -12.06 -14.98 -2.18
C LEU A 225 -11.24 -14.24 -3.24
N THR A 226 -11.31 -12.91 -3.22
CA THR A 226 -10.58 -12.11 -4.21
C THR A 226 -9.07 -12.35 -4.12
N ALA A 227 -8.54 -12.47 -2.90
CA ALA A 227 -7.10 -12.69 -2.73
C ALA A 227 -6.70 -14.08 -3.20
N ARG A 228 -7.50 -15.10 -2.88
CA ARG A 228 -7.24 -16.43 -3.43
C ARG A 228 -7.32 -16.43 -4.94
N MET A 229 -8.28 -15.68 -5.50
CA MET A 229 -8.42 -15.61 -6.95
C MET A 229 -7.19 -14.97 -7.59
N HIS A 230 -6.76 -13.82 -7.05
CA HIS A 230 -5.61 -13.12 -7.63
C HIS A 230 -4.33 -13.93 -7.47
N ALA A 231 -4.15 -14.60 -6.32
CA ALA A 231 -2.95 -15.39 -6.11
C ALA A 231 -2.88 -16.55 -7.10
N ALA A 232 -4.03 -17.16 -7.41
CA ALA A 232 -4.06 -18.19 -8.43
C ALA A 232 -3.82 -17.61 -9.81
N LEU A 233 -4.47 -16.47 -10.12
CA LEU A 233 -4.29 -15.87 -11.43
C LEU A 233 -2.87 -15.34 -11.62
N ALA A 234 -2.23 -14.87 -10.55
CA ALA A 234 -0.85 -14.39 -10.65
C ALA A 234 0.15 -15.50 -10.91
N ALA A 235 -0.24 -16.76 -10.71
CA ALA A 235 0.68 -17.87 -10.95
C ALA A 235 1.11 -17.95 -12.41
N ARG A 236 0.34 -17.37 -13.32
CA ARG A 236 0.73 -17.34 -14.72
C ARG A 236 1.79 -16.28 -15.02
N GLY A 237 2.03 -15.35 -14.09
CA GLY A 237 3.06 -14.35 -14.29
C GLY A 237 2.61 -12.93 -14.05
N ARG A 238 3.56 -12.03 -13.82
CA ARG A 238 3.30 -10.62 -13.62
C ARG A 238 4.02 -9.81 -14.68
N THR A 239 3.40 -8.71 -15.09
CA THR A 239 3.96 -7.81 -16.09
C THR A 239 4.07 -6.41 -15.50
N PRO A 240 5.26 -5.81 -15.46
CA PRO A 240 5.37 -4.43 -14.94
C PRO A 240 4.75 -3.44 -15.92
N ALA A 241 3.94 -2.54 -15.38
CA ALA A 241 3.29 -1.52 -16.20
C ALA A 241 4.31 -0.52 -16.72
N THR A 242 4.29 -0.28 -18.04
CA THR A 242 5.21 0.66 -18.64
C THR A 242 4.69 2.09 -18.48
N ALA A 243 5.53 3.06 -18.84
CA ALA A 243 5.13 4.45 -18.77
C ALA A 243 4.00 4.75 -19.75
N ALA A 244 3.99 4.08 -20.91
CA ALA A 244 2.92 4.31 -21.87
C ALA A 244 1.60 3.70 -21.40
N ASP A 245 1.66 2.64 -20.59
CA ASP A 245 0.44 2.04 -20.07
C ASP A 245 -0.27 2.98 -19.11
N VAL A 246 0.46 3.52 -18.13
CA VAL A 246 -0.16 4.41 -17.15
C VAL A 246 -0.56 5.73 -17.81
N ALA A 247 0.13 6.12 -18.88
CA ALA A 247 -0.28 7.32 -19.61
C ALA A 247 -1.57 7.07 -20.38
N ALA A 248 -1.72 5.88 -20.96
CA ALA A 248 -2.97 5.54 -21.64
C ALA A 248 -4.13 5.40 -20.66
N TRP A 249 -3.85 4.96 -19.43
CA TRP A 249 -4.90 4.91 -18.42
C TRP A 249 -5.45 6.29 -18.13
N GLY A 250 -4.56 7.28 -17.95
CA GLY A 250 -5.03 8.64 -17.69
C GLY A 250 -5.83 9.22 -18.83
N VAL A 251 -5.41 8.93 -20.06
CA VAL A 251 -6.16 9.41 -21.23
C VAL A 251 -7.57 8.84 -21.24
N ARG A 252 -7.69 7.53 -20.99
CA ARG A 252 -8.99 6.90 -21.01
C ARG A 252 -9.86 7.39 -19.86
N MET A 253 -9.26 7.63 -18.70
CA MET A 253 -10.03 8.09 -17.54
C MET A 253 -10.43 9.56 -17.66
N ARG A 254 -9.61 10.39 -18.31
CA ARG A 254 -9.99 11.77 -18.54
C ARG A 254 -11.12 11.87 -19.55
N GLU A 255 -11.09 11.01 -20.58
CA GLU A 255 -12.17 11.02 -21.57
C GLU A 255 -13.50 10.59 -20.96
N GLU A 256 -13.47 9.54 -20.14
CA GLU A 256 -14.69 9.11 -19.46
C GLU A 256 -15.20 10.19 -18.52
N LEU A 257 -14.29 10.91 -17.86
CA LEU A 257 -14.70 12.00 -16.98
C LEU A 257 -15.30 13.15 -17.78
N ASP A 258 -14.72 13.46 -18.95
CA ASP A 258 -15.28 14.50 -19.80
C ASP A 258 -16.66 14.12 -20.31
N GLU A 259 -16.83 12.85 -20.69
CA GLU A 259 -18.13 12.39 -21.16
C GLU A 259 -19.18 12.48 -20.06
N ALA A 260 -18.79 12.18 -18.82
CA ALA A 260 -19.74 12.22 -17.71
C ALA A 260 -20.14 13.65 -17.39
N VAL A 261 -19.18 14.58 -17.35
CA VAL A 261 -19.49 15.96 -17.01
C VAL A 261 -20.43 16.56 -18.05
N ALA A 262 -20.24 16.21 -19.32
CA ALA A 262 -21.04 16.76 -20.40
C ALA A 262 -22.37 16.06 -20.60
N SER A 263 -22.73 15.09 -19.75
CA SER A 263 -23.94 14.31 -19.99
C SER A 263 -24.83 14.24 -18.75
N VAL A 264 -24.23 14.23 -17.56
CA VAL A 264 -25.01 14.07 -16.32
C VAL A 264 -25.79 15.34 -16.05
N PRO A 265 -27.12 15.27 -15.92
CA PRO A 265 -27.91 16.48 -15.69
C PRO A 265 -28.21 16.73 -14.23
N GLY A 266 -29.06 17.72 -13.95
CA GLY A 266 -29.55 18.01 -12.63
C GLY A 266 -28.47 18.41 -11.64
N ALA A 267 -28.81 18.32 -10.36
CA ALA A 267 -27.87 18.67 -9.30
C ALA A 267 -26.68 17.73 -9.27
N GLU A 268 -26.87 16.46 -9.64
CA GLU A 268 -25.75 15.53 -9.72
C GLU A 268 -24.71 16.00 -10.72
N GLY A 269 -25.15 16.51 -11.87
CA GLY A 269 -24.22 17.05 -12.84
C GLY A 269 -23.51 18.29 -12.36
N GLU A 270 -24.20 19.11 -11.56
CA GLU A 270 -23.56 20.30 -11.01
C GLU A 270 -22.44 19.92 -10.05
N ARG A 271 -22.68 18.94 -9.17
CA ARG A 271 -21.64 18.51 -8.24
C ARG A 271 -20.49 17.84 -8.97
N LEU A 272 -20.80 17.01 -9.97
CA LEU A 272 -19.74 16.34 -10.73
C LEU A 272 -18.87 17.36 -11.47
N LYS A 273 -19.48 18.43 -11.98
CA LYS A 273 -18.71 19.46 -12.66
C LYS A 273 -17.74 20.15 -11.71
N ALA A 274 -18.18 20.39 -10.46
CA ALA A 274 -17.30 21.01 -9.48
C ALA A 274 -16.24 20.04 -8.99
N TRP A 275 -16.56 18.75 -8.94
CA TRP A 275 -15.60 17.74 -8.50
C TRP A 275 -14.61 17.36 -9.59
N ALA A 276 -14.94 17.62 -10.86
CA ALA A 276 -14.10 17.16 -11.96
C ALA A 276 -12.66 17.66 -11.90
N PRO A 277 -12.38 18.93 -11.58
CA PRO A 277 -10.96 19.33 -11.45
C PRO A 277 -10.23 18.58 -10.36
N ARG A 278 -10.88 18.32 -9.22
CA ARG A 278 -10.24 17.55 -8.17
C ARG A 278 -10.04 16.09 -8.56
N ILE A 279 -10.97 15.53 -9.32
CA ILE A 279 -10.82 14.16 -9.79
C ILE A 279 -9.68 14.05 -10.79
N ALA A 280 -9.58 15.03 -11.70
CA ALA A 280 -8.50 15.02 -12.68
C ALA A 280 -7.13 15.18 -12.02
N ASP A 281 -7.06 15.90 -10.90
CA ASP A 281 -5.79 16.01 -10.18
C ASP A 281 -5.34 14.67 -9.65
N VAL A 282 -6.27 13.82 -9.22
CA VAL A 282 -5.91 12.49 -8.75
C VAL A 282 -5.47 11.62 -9.92
N TYR A 283 -6.12 11.76 -11.08
CA TYR A 283 -5.71 11.01 -12.25
C TYR A 283 -4.29 11.36 -12.70
N ALA A 284 -3.80 12.56 -12.36
CA ALA A 284 -2.47 12.97 -12.78
C ALA A 284 -1.36 12.25 -12.05
N GLU A 285 -1.63 11.69 -10.86
CA GLU A 285 -0.62 10.98 -10.10
C GLU A 285 -0.36 9.57 -10.64
N LEU A 286 -1.10 9.14 -11.66
CA LEU A 286 -0.88 7.82 -12.25
C LEU A 286 0.46 7.72 -12.96
N ASP A 287 1.02 8.84 -13.41
CA ASP A 287 2.29 8.81 -14.12
C ASP A 287 3.44 8.34 -13.23
N ALA A 288 3.32 8.50 -11.92
CA ALA A 288 4.34 8.03 -10.99
C ALA A 288 4.19 6.56 -10.63
N LEU A 289 3.16 5.89 -11.15
CA LEU A 289 2.90 4.49 -10.83
C LEU A 289 3.42 3.54 -11.89
N ALA A 290 4.37 3.97 -12.71
CA ALA A 290 4.98 3.10 -13.69
C ALA A 290 5.74 1.97 -13.01
N GLY A 291 5.56 0.75 -13.51
CA GLY A 291 6.15 -0.43 -12.91
C GLY A 291 5.22 -1.22 -12.01
N THR A 292 4.01 -0.72 -11.77
CA THR A 292 3.08 -1.45 -10.91
C THR A 292 2.71 -2.77 -11.57
N PRO A 293 2.53 -3.83 -10.79
CA PRO A 293 2.35 -5.16 -11.39
C PRO A 293 1.00 -5.32 -12.07
N LEU A 294 1.02 -5.95 -13.25
CA LEU A 294 -0.18 -6.30 -13.99
C LEU A 294 -0.28 -7.81 -14.07
N ILE A 295 -1.46 -8.34 -13.76
CA ILE A 295 -1.71 -9.78 -13.80
C ILE A 295 -3.03 -10.03 -14.50
N ASP A 296 -3.34 -11.31 -14.71
CA ASP A 296 -4.67 -11.70 -15.15
C ASP A 296 -5.67 -11.38 -14.03
N VAL A 297 -6.73 -10.67 -14.38
CA VAL A 297 -7.72 -10.22 -13.40
C VAL A 297 -9.10 -10.71 -13.83
N HIS A 298 -10.07 -10.53 -12.94
CA HIS A 298 -11.46 -10.80 -13.30
C HIS A 298 -11.93 -9.81 -14.36
N GLY A 299 -11.67 -8.52 -14.15
CA GLY A 299 -11.95 -7.49 -15.13
C GLY A 299 -13.29 -6.81 -14.99
N ASP A 300 -14.30 -7.53 -14.50
CA ASP A 300 -15.65 -7.02 -14.34
C ASP A 300 -16.19 -7.40 -12.97
N PHE A 301 -15.41 -7.11 -11.93
CA PHE A 301 -15.60 -7.68 -10.61
C PHE A 301 -16.52 -6.80 -9.77
N HIS A 302 -17.65 -7.37 -9.33
CA HIS A 302 -18.60 -6.70 -8.46
C HIS A 302 -19.47 -7.76 -7.80
N VAL A 303 -20.32 -7.32 -6.87
CA VAL A 303 -21.11 -8.27 -6.08
C VAL A 303 -22.02 -9.10 -6.96
N GLY A 304 -22.48 -8.53 -8.08
CA GLY A 304 -23.33 -9.27 -9.00
C GLY A 304 -22.66 -10.48 -9.63
N GLN A 305 -21.35 -10.61 -9.50
CA GLN A 305 -20.59 -11.73 -10.03
C GLN A 305 -20.36 -12.83 -8.99
N ILE A 306 -20.88 -12.65 -7.77
CA ILE A 306 -20.66 -13.61 -6.69
C ILE A 306 -21.98 -14.28 -6.36
N LEU A 307 -22.02 -15.60 -6.51
CA LEU A 307 -23.15 -16.40 -6.05
C LEU A 307 -22.89 -16.88 -4.63
N ARG A 308 -23.98 -16.98 -3.86
CA ARG A 308 -23.88 -17.45 -2.48
C ARG A 308 -25.03 -18.40 -2.17
N ALA A 309 -24.71 -19.49 -1.49
CA ALA A 309 -25.70 -20.46 -1.04
C ALA A 309 -25.09 -21.32 0.06
N ASP A 310 -25.79 -21.39 1.20
CA ASP A 310 -25.38 -22.24 2.32
C ASP A 310 -23.96 -21.92 2.79
N GLY A 311 -23.62 -20.63 2.80
CA GLY A 311 -22.31 -20.20 3.25
C GLY A 311 -21.19 -20.41 2.27
N ARG A 312 -21.48 -20.82 1.04
CA ARG A 312 -20.46 -21.04 0.02
C ARG A 312 -20.55 -19.93 -1.03
N TYR A 313 -19.40 -19.47 -1.49
CA TYR A 313 -19.31 -18.37 -2.44
C TYR A 313 -18.71 -18.86 -3.75
N ALA A 314 -19.21 -18.28 -4.85
CA ALA A 314 -18.77 -18.70 -6.19
C ALA A 314 -18.76 -17.50 -7.11
N VAL A 315 -17.61 -17.23 -7.73
CA VAL A 315 -17.47 -16.13 -8.67
C VAL A 315 -17.69 -16.66 -10.09
N VAL A 316 -18.33 -15.85 -10.94
CA VAL A 316 -18.62 -16.22 -12.30
C VAL A 316 -18.24 -15.05 -13.23
N ASP A 317 -18.49 -15.25 -14.52
CA ASP A 317 -18.36 -14.23 -15.55
C ASP A 317 -16.92 -13.73 -15.69
N PHE A 318 -16.13 -14.42 -16.50
CA PHE A 318 -14.71 -14.10 -16.66
C PHE A 318 -14.36 -13.65 -18.07
N ASP A 319 -15.34 -13.21 -18.87
CA ASP A 319 -15.04 -12.76 -20.22
C ASP A 319 -14.54 -11.32 -20.27
N GLY A 320 -14.52 -10.60 -19.16
CA GLY A 320 -13.91 -9.29 -19.10
C GLY A 320 -14.93 -8.16 -19.09
N ASN A 321 -14.40 -6.95 -19.06
CA ASN A 321 -15.22 -5.74 -18.99
C ASN A 321 -15.93 -5.50 -20.31
N PRO A 322 -17.26 -5.47 -20.35
CA PRO A 322 -17.95 -5.34 -21.65
C PRO A 322 -17.72 -4.01 -22.33
N VAL A 323 -17.63 -2.91 -21.56
CA VAL A 323 -17.40 -1.60 -22.16
C VAL A 323 -16.00 -1.46 -22.74
N LEU A 324 -15.09 -2.37 -22.40
CA LEU A 324 -13.75 -2.38 -22.95
C LEU A 324 -13.76 -3.03 -24.34
N PRO A 325 -12.83 -2.64 -25.22
CA PRO A 325 -12.77 -3.28 -26.54
C PRO A 325 -12.57 -4.79 -26.43
N ALA A 326 -13.13 -5.50 -27.40
CA ALA A 326 -13.11 -6.96 -27.35
C ALA A 326 -11.69 -7.52 -27.44
N ASP A 327 -10.78 -6.80 -28.08
CA ASP A 327 -9.39 -7.22 -28.21
C ASP A 327 -8.52 -6.72 -27.07
N GLN A 328 -9.12 -6.16 -26.02
CA GLN A 328 -8.36 -5.64 -24.89
C GLN A 328 -8.81 -6.21 -23.55
N ARG A 329 -9.85 -7.05 -23.53
CA ARG A 329 -10.33 -7.61 -22.27
C ARG A 329 -9.42 -8.68 -21.72
N ALA A 330 -8.53 -9.25 -22.54
CA ALA A 330 -7.61 -10.29 -22.11
C ALA A 330 -6.28 -9.75 -21.61
N ALA A 331 -6.05 -8.44 -21.73
CA ALA A 331 -4.78 -7.86 -21.31
C ALA A 331 -4.65 -7.87 -19.79
N ARG A 332 -3.41 -7.92 -19.32
CA ARG A 332 -3.14 -7.90 -17.89
C ARG A 332 -3.43 -6.53 -17.30
N GLN A 333 -4.00 -6.50 -16.10
CA GLN A 333 -4.48 -5.30 -15.46
C GLN A 333 -4.08 -5.33 -13.99
N PRO A 334 -4.11 -4.19 -13.31
CA PRO A 334 -3.76 -4.20 -11.88
C PRO A 334 -4.79 -4.97 -11.06
N ALA A 335 -4.30 -5.73 -10.09
CA ALA A 335 -5.19 -6.44 -9.19
C ALA A 335 -6.08 -5.47 -8.42
N ALA A 336 -5.59 -4.27 -8.15
CA ALA A 336 -6.40 -3.27 -7.45
C ALA A 336 -7.65 -2.89 -8.22
N LEU A 337 -7.69 -3.15 -9.52
CA LEU A 337 -8.90 -2.86 -10.30
C LEU A 337 -10.06 -3.73 -9.84
N ASP A 338 -9.82 -5.03 -9.63
CA ASP A 338 -10.85 -5.89 -9.07
C ASP A 338 -11.21 -5.46 -7.65
N VAL A 339 -10.21 -5.08 -6.85
CA VAL A 339 -10.46 -4.63 -5.49
C VAL A 339 -11.36 -3.40 -5.49
N VAL A 340 -11.03 -2.42 -6.34
CA VAL A 340 -11.84 -1.21 -6.44
C VAL A 340 -13.25 -1.54 -6.93
N GLY A 341 -13.36 -2.45 -7.91
CA GLY A 341 -14.67 -2.82 -8.41
C GLY A 341 -15.56 -3.42 -7.34
N MET A 342 -14.98 -4.22 -6.44
CA MET A 342 -15.79 -4.85 -5.41
C MET A 342 -16.10 -3.90 -4.27
N THR A 343 -15.11 -3.12 -3.81
CA THR A 343 -15.35 -2.17 -2.74
C THR A 343 -16.36 -1.11 -3.17
N ALA A 344 -16.28 -0.66 -4.43
CA ALA A 344 -17.28 0.28 -4.93
C ALA A 344 -18.66 -0.37 -4.96
N SER A 345 -18.73 -1.63 -5.43
CA SER A 345 -20.02 -2.32 -5.48
CA SER A 345 -20.02 -2.31 -5.48
C SER A 345 -20.59 -2.51 -4.08
N LEU A 346 -19.73 -2.74 -3.08
CA LEU A 346 -20.22 -2.84 -1.71
C LEU A 346 -20.80 -1.52 -1.23
N ASP A 347 -20.14 -0.41 -1.56
CA ASP A 347 -20.71 0.91 -1.31
C ASP A 347 -22.08 1.04 -1.97
N HIS A 348 -22.19 0.63 -3.23
CA HIS A 348 -23.43 0.80 -3.96
C HIS A 348 -24.55 -0.05 -3.39
N VAL A 349 -24.23 -1.23 -2.85
CA VAL A 349 -25.24 -2.05 -2.19
C VAL A 349 -25.92 -1.26 -1.07
N GLY A 350 -25.13 -0.57 -0.26
CA GLY A 350 -25.70 0.25 0.80
C GLY A 350 -26.52 1.41 0.26
N ARG A 351 -26.07 2.02 -0.83
CA ARG A 351 -26.82 3.12 -1.42
C ARG A 351 -28.18 2.63 -1.93
N VAL A 352 -28.22 1.43 -2.50
CA VAL A 352 -29.46 0.88 -3.03
C VAL A 352 -30.43 0.55 -1.90
N VAL A 353 -29.91 0.01 -0.79
CA VAL A 353 -30.78 -0.32 0.33
C VAL A 353 -31.49 0.92 0.87
N VAL A 354 -30.72 2.00 1.10
CA VAL A 354 -31.32 3.23 1.60
C VAL A 354 -32.30 3.80 0.59
N PHE A 355 -32.01 3.66 -0.70
CA PHE A 355 -32.82 4.26 -1.75
C PHE A 355 -34.14 3.52 -1.95
N ARG A 356 -34.13 2.19 -1.84
CA ARG A 356 -35.29 1.38 -2.21
C ARG A 356 -36.11 0.88 -1.03
N THR A 357 -35.59 0.95 0.19
CA THR A 357 -36.28 0.34 1.33
C THR A 357 -37.11 1.39 2.05
N PRO A 358 -38.43 1.25 2.12
CA PRO A 358 -39.24 2.21 2.87
C PRO A 358 -38.94 2.11 4.36
N ASP A 359 -38.95 3.27 5.02
CA ASP A 359 -38.75 3.37 6.47
C ASP A 359 -37.41 2.78 6.91
N VAL A 360 -36.42 2.80 6.01
CA VAL A 360 -35.11 2.25 6.35
C VAL A 360 -34.38 3.21 7.27
N ASP A 361 -33.59 2.65 8.19
CA ASP A 361 -32.72 3.44 9.04
C ASP A 361 -31.38 3.61 8.32
N PRO A 362 -31.05 4.81 7.82
CA PRO A 362 -29.82 4.96 7.05
C PRO A 362 -28.55 4.83 7.89
N ALA A 363 -28.62 5.08 9.20
CA ALA A 363 -27.41 5.08 10.02
C ALA A 363 -26.71 3.73 10.04
N PRO A 364 -27.37 2.60 10.33
CA PRO A 364 -26.63 1.32 10.30
C PRO A 364 -26.17 0.95 8.90
N VAL A 365 -26.88 1.36 7.86
CA VAL A 365 -26.46 1.06 6.49
C VAL A 365 -25.20 1.85 6.14
N ARG A 366 -25.20 3.15 6.42
CA ARG A 366 -24.05 3.98 6.10
C ARG A 366 -22.82 3.59 6.92
N ALA A 367 -23.02 3.16 8.16
CA ALA A 367 -21.90 2.61 8.93
C ALA A 367 -21.40 1.31 8.30
N TRP A 368 -22.33 0.49 7.79
CA TRP A 368 -21.92 -0.75 7.14
C TRP A 368 -21.13 -0.48 5.86
N ILE A 369 -21.47 0.58 5.14
CA ILE A 369 -20.75 0.90 3.90
C ILE A 369 -19.28 1.13 4.18
N ALA A 370 -18.98 1.95 5.19
CA ALA A 370 -17.58 2.21 5.54
C ALA A 370 -16.92 0.98 6.13
N ALA A 371 -17.65 0.24 6.97
CA ALA A 371 -17.05 -0.91 7.65
C ALA A 371 -16.88 -2.11 6.72
N ALA A 372 -17.77 -2.28 5.73
CA ALA A 372 -17.63 -3.41 4.82
C ALA A 372 -16.40 -3.25 3.94
N GLN A 373 -16.10 -2.03 3.51
CA GLN A 373 -14.91 -1.79 2.70
C GLN A 373 -13.64 -2.04 3.50
N ARG A 374 -13.65 -1.72 4.79
CA ARG A 374 -12.49 -2.01 5.64
C ARG A 374 -12.37 -3.51 5.89
N SER A 375 -13.50 -4.19 6.09
CA SER A 375 -13.46 -5.64 6.30
C SER A 375 -12.97 -6.35 5.05
N PHE A 376 -13.36 -5.87 3.87
CA PHE A 376 -12.88 -6.47 2.62
C PHE A 376 -11.37 -6.30 2.48
N LEU A 377 -10.89 -5.07 2.66
CA LEU A 377 -9.46 -4.79 2.47
C LEU A 377 -8.61 -5.56 3.47
N ASP A 378 -9.02 -5.60 4.74
CA ASP A 378 -8.25 -6.31 5.75
C ASP A 378 -8.15 -7.79 5.42
N ALA A 379 -9.28 -8.43 5.10
CA ALA A 379 -9.24 -9.84 4.76
C ALA A 379 -8.47 -10.09 3.46
N TYR A 380 -8.60 -9.16 2.50
CA TYR A 380 -7.85 -9.29 1.25
C TYR A 380 -6.35 -9.21 1.49
N ARG A 381 -5.91 -8.21 2.25
CA ARG A 381 -4.49 -8.10 2.58
C ARG A 381 -4.00 -9.29 3.38
N THR A 382 -4.80 -9.73 4.35
CA THR A 382 -4.39 -10.84 5.21
C THR A 382 -4.23 -12.14 4.41
N THR A 383 -5.20 -12.43 3.53
CA THR A 383 -5.12 -13.66 2.75
C THR A 383 -3.97 -13.59 1.74
N LEU A 384 -3.74 -12.42 1.14
CA LEU A 384 -2.59 -12.27 0.24
C LEU A 384 -1.28 -12.54 0.97
N ALA A 385 -1.13 -11.99 2.18
CA ALA A 385 0.08 -12.23 2.96
C ALA A 385 0.21 -13.71 3.32
N ARG A 386 -0.92 -14.35 3.65
CA ARG A 386 -0.90 -15.77 3.99
C ARG A 386 -0.50 -16.62 2.80
N LEU A 387 -0.80 -16.17 1.58
CA LEU A 387 -0.40 -16.88 0.37
C LEU A 387 0.90 -16.36 -0.20
N ASP A 388 1.59 -15.47 0.51
CA ASP A 388 2.87 -14.89 0.06
C ASP A 388 2.70 -14.22 -1.30
N ALA A 389 1.65 -13.41 -1.43
CA ALA A 389 1.32 -12.74 -2.68
C ALA A 389 0.98 -11.28 -2.44
N ASP A 390 1.66 -10.63 -1.50
CA ASP A 390 1.46 -9.21 -1.26
C ASP A 390 1.90 -8.36 -2.44
N ASP A 391 2.81 -8.87 -3.27
CA ASP A 391 3.44 -8.08 -4.32
C ASP A 391 2.47 -7.65 -5.40
N LEU A 392 1.35 -8.37 -5.59
CA LEU A 392 0.46 -8.08 -6.71
C LEU A 392 -0.52 -6.95 -6.43
N PHE A 393 -0.64 -6.48 -5.18
CA PHE A 393 -1.60 -5.45 -4.81
C PHE A 393 -0.85 -4.15 -4.54
N ASP A 394 -1.04 -3.17 -5.41
CA ASP A 394 -0.47 -1.83 -5.25
C ASP A 394 -1.60 -0.91 -4.81
N ASP A 395 -1.67 -0.64 -3.50
CA ASP A 395 -2.77 0.14 -2.95
C ASP A 395 -2.70 1.62 -3.31
N ARG A 396 -1.63 2.07 -3.96
CA ARG A 396 -1.57 3.44 -4.45
C ARG A 396 -2.61 3.71 -5.53
N LEU A 397 -3.07 2.66 -6.22
CA LEU A 397 -4.06 2.80 -7.29
C LEU A 397 -5.49 2.89 -6.76
N LEU A 398 -5.70 2.70 -5.46
CA LEU A 398 -7.05 2.61 -4.92
C LEU A 398 -7.86 3.87 -5.22
N THR A 399 -7.34 5.03 -4.82
CA THR A 399 -8.10 6.27 -5.01
C THR A 399 -8.31 6.62 -6.47
N PRO A 400 -7.29 6.66 -7.34
CA PRO A 400 -7.58 7.01 -8.75
C PRO A 400 -8.51 6.03 -9.44
N LEU A 401 -8.34 4.72 -9.21
CA LEU A 401 -9.24 3.75 -9.85
C LEU A 401 -10.63 3.79 -9.26
N ARG A 402 -10.74 4.09 -7.95
CA ARG A 402 -12.07 4.20 -7.35
C ARG A 402 -12.85 5.36 -7.95
N TYR A 403 -12.21 6.50 -8.15
CA TYR A 403 -12.85 7.62 -8.82
C TYR A 403 -13.27 7.24 -10.23
N ALA A 404 -12.43 6.49 -10.93
CA ALA A 404 -12.77 6.05 -12.29
C ALA A 404 -13.94 5.09 -12.30
N GLN A 405 -14.08 4.27 -11.26
CA GLN A 405 -15.23 3.36 -11.20
C GLN A 405 -16.52 4.13 -10.96
N GLU A 406 -16.49 5.16 -10.12
CA GLU A 406 -17.69 5.95 -9.87
C GLU A 406 -18.09 6.76 -11.10
N VAL A 407 -17.11 7.23 -11.87
CA VAL A 407 -17.41 7.93 -13.12
C VAL A 407 -18.13 7.00 -14.09
N ARG A 408 -17.71 5.73 -14.13
CA ARG A 408 -18.38 4.76 -14.99
C ARG A 408 -19.83 4.55 -14.60
N GLU A 409 -20.16 4.72 -13.31
CA GLU A 409 -21.54 4.64 -12.88
C GLU A 409 -22.37 5.76 -13.49
N TYR A 410 -21.78 6.96 -13.61
CA TYR A 410 -22.47 8.05 -14.30
C TYR A 410 -22.75 7.67 -15.75
N LEU A 411 -21.76 7.10 -16.45
CA LEU A 411 -21.94 6.76 -17.85
C LEU A 411 -22.97 5.66 -18.03
N TYR A 412 -22.95 4.65 -17.16
CA TYR A 412 -23.98 3.62 -17.22
C TYR A 412 -25.37 4.22 -16.98
N ALA A 413 -25.47 5.23 -16.13
CA ALA A 413 -26.76 5.82 -15.82
C ALA A 413 -27.34 6.56 -17.02
N VAL A 414 -26.58 7.50 -17.58
CA VAL A 414 -27.10 8.32 -18.67
C VAL A 414 -27.38 7.50 -19.92
N ARG A 415 -26.82 6.29 -20.02
CA ARG A 415 -27.02 5.44 -21.18
C ARG A 415 -28.10 4.39 -21.00
N HIS A 416 -28.37 3.96 -19.77
CA HIS A 416 -29.26 2.83 -19.56
C HIS A 416 -30.30 3.06 -18.48
N LEU A 417 -29.94 3.80 -17.43
CA LEU A 417 -30.82 3.98 -16.26
C LEU A 417 -30.57 5.35 -15.67
N PRO A 418 -31.29 6.37 -16.15
CA PRO A 418 -30.92 7.76 -15.80
C PRO A 418 -30.91 8.06 -14.31
N HIS A 419 -31.86 7.54 -13.54
CA HIS A 419 -31.92 7.88 -12.12
C HIS A 419 -30.75 7.30 -11.34
N TRP A 420 -29.96 6.39 -11.92
CA TRP A 420 -28.86 5.74 -11.22
C TRP A 420 -27.73 6.71 -10.86
N VAL A 421 -27.78 7.96 -11.34
CA VAL A 421 -26.76 8.94 -11.01
C VAL A 421 -26.65 9.19 -9.51
N TYR A 422 -27.67 8.83 -8.73
CA TYR A 422 -27.62 9.06 -7.30
C TYR A 422 -26.57 8.19 -6.63
N VAL A 423 -26.27 7.03 -7.19
CA VAL A 423 -25.34 6.08 -6.59
C VAL A 423 -23.92 6.64 -6.60
N PRO A 424 -23.35 7.06 -7.73
CA PRO A 424 -22.00 7.65 -7.67
C PRO A 424 -21.98 9.00 -6.98
N ASP A 425 -23.10 9.73 -6.99
CA ASP A 425 -23.14 11.03 -6.34
C ASP A 425 -22.97 10.90 -4.83
N LEU A 426 -23.67 9.95 -4.22
CA LEU A 426 -23.55 9.75 -2.78
C LEU A 426 -22.23 9.08 -2.42
N SER A 427 -21.69 8.23 -3.31
CA SER A 427 -20.42 7.59 -3.03
CA SER A 427 -20.42 7.58 -3.04
C SER A 427 -19.27 8.60 -3.03
N LEU A 428 -19.21 9.44 -4.07
CA LEU A 428 -18.16 10.45 -4.13
C LEU A 428 -18.32 11.49 -3.02
N THR A 429 -19.55 11.71 -2.55
CA THR A 429 -19.76 12.66 -1.45
C THR A 429 -19.05 12.20 -0.18
N ASP A 430 -18.97 10.90 0.06
CA ASP A 430 -18.29 10.38 1.23
C ASP A 430 -16.81 10.10 0.99
N LEU A 431 -16.39 9.97 -0.27
CA LEU A 431 -14.99 9.69 -0.58
C LEU A 431 -14.13 10.93 -0.68
N LEU A 432 -14.69 12.04 -1.16
CA LEU A 432 -13.91 13.26 -1.32
C LEU A 432 -13.66 13.93 0.03
N PRO A 433 -12.46 14.51 0.23
CA PRO A 433 -12.12 15.20 1.48
C PRO A 433 -12.95 16.46 1.71
N ASN B 4 37.30 37.51 39.20
CA ASN B 4 37.43 36.98 37.86
C ASN B 4 36.46 35.82 37.63
N TRP B 5 36.80 34.96 36.67
CA TRP B 5 35.96 33.80 36.33
C TRP B 5 36.55 32.47 36.78
N SER B 6 37.87 32.37 36.88
CA SER B 6 38.48 31.10 37.25
C SER B 6 38.11 30.70 38.68
N GLU B 7 38.38 31.59 39.65
CA GLU B 7 38.07 31.28 41.04
C GLU B 7 36.56 31.26 41.27
N LEU B 8 35.83 32.17 40.62
CA LEU B 8 34.38 32.24 40.77
C LEU B 8 33.70 31.12 40.00
N PRO B 14 29.31 23.13 42.25
CA PRO B 14 29.08 21.71 41.96
C PRO B 14 27.96 21.50 40.95
N ALA B 15 26.74 21.88 41.31
CA ALA B 15 25.59 21.76 40.42
C ALA B 15 25.50 22.90 39.43
N LEU B 16 26.54 23.75 39.33
CA LEU B 16 26.51 24.84 38.37
C LEU B 16 26.49 24.35 36.94
N VAL B 17 27.13 23.20 36.67
CA VAL B 17 27.17 22.67 35.32
C VAL B 17 25.83 22.04 34.92
N LEU B 18 25.00 21.70 35.88
CA LEU B 18 23.72 21.06 35.58
C LEU B 18 22.62 22.11 35.43
N PRO B 19 21.87 22.10 34.33
CA PRO B 19 20.78 23.08 34.17
C PRO B 19 19.68 22.85 35.20
N SER B 20 19.43 23.88 36.01
CA SER B 20 18.41 23.83 37.06
C SER B 20 18.64 22.68 38.02
N LEU B 33 35.10 22.33 41.18
CA LEU B 33 35.14 22.44 39.73
C LEU B 33 36.25 23.39 39.27
N ARG B 34 36.90 23.04 38.17
CA ARG B 34 37.99 23.84 37.60
C ARG B 34 37.58 24.38 36.24
N LEU B 35 38.10 25.56 35.91
CA LEU B 35 37.79 26.23 34.66
C LEU B 35 38.92 25.98 33.65
N ASP B 36 38.55 25.65 32.42
CA ASP B 36 39.50 25.39 31.35
C ASP B 36 39.57 26.52 30.33
N ALA B 37 38.44 27.08 29.93
CA ALA B 37 38.40 28.18 28.98
C ALA B 37 37.21 29.06 29.28
N LEU B 38 37.31 30.33 28.88
CA LEU B 38 36.27 31.30 29.18
C LEU B 38 36.20 32.31 28.05
N LEU B 39 35.00 32.48 27.49
CA LEU B 39 34.73 33.47 26.45
C LEU B 39 33.87 34.57 27.08
N ASP B 40 34.50 35.68 27.43
CA ASP B 40 33.80 36.78 28.09
C ASP B 40 32.89 37.48 27.08
N LEU B 41 31.57 37.39 27.31
CA LEU B 41 30.60 38.05 26.47
C LEU B 41 30.29 39.47 26.92
N GLY B 42 30.86 39.91 28.02
CA GLY B 42 30.66 41.26 28.52
C GLY B 42 29.41 41.39 29.39
N GLU B 43 29.42 42.42 30.23
CA GLU B 43 28.31 42.73 31.12
C GLU B 43 27.97 41.57 32.05
N GLY B 44 28.97 40.81 32.45
CA GLY B 44 28.77 39.67 33.33
C GLY B 44 28.38 38.38 32.64
N HIS B 45 28.23 38.39 31.32
CA HIS B 45 27.88 37.19 30.56
C HIS B 45 29.15 36.53 30.03
N ALA B 46 29.16 35.20 30.02
CA ALA B 46 30.33 34.46 29.58
C ALA B 46 29.92 33.02 29.26
N VAL B 47 30.66 32.42 28.32
CA VAL B 47 30.50 31.02 27.96
C VAL B 47 31.73 30.28 28.45
N GLY B 48 31.55 29.46 29.48
CA GLY B 48 32.66 28.77 30.14
C GLY B 48 32.69 27.29 29.81
N VAL B 49 33.88 26.75 29.68
CA VAL B 49 34.11 25.32 29.50
C VAL B 49 34.65 24.81 30.83
N VAL B 50 33.79 24.21 31.64
CA VAL B 50 34.13 23.79 32.99
C VAL B 50 34.37 22.28 33.01
N ARG B 51 35.47 21.87 33.64
CA ARG B 51 35.79 20.46 33.80
C ARG B 51 35.46 20.02 35.22
N SER B 52 34.81 18.87 35.35
CA SER B 52 34.39 18.36 36.65
C SER B 52 35.51 17.53 37.27
N ALA B 53 35.27 17.05 38.49
CA ALA B 53 36.27 16.22 39.16
C ALA B 53 36.42 14.87 38.49
N ASP B 54 35.37 14.39 37.81
CA ASP B 54 35.41 13.14 37.07
C ASP B 54 35.87 13.33 35.62
N ALA B 55 36.68 14.36 35.36
CA ALA B 55 37.19 14.66 34.03
C ALA B 55 36.06 14.87 33.01
N ALA B 56 34.92 15.35 33.48
CA ALA B 56 33.76 15.60 32.63
C ALA B 56 33.69 17.09 32.33
N ARG B 57 33.70 17.45 31.06
CA ARG B 57 33.67 18.84 30.63
C ARG B 57 32.24 19.27 30.33
N TRP B 58 31.98 20.56 30.53
CA TRP B 58 30.64 21.11 30.34
C TRP B 58 30.75 22.48 29.69
N THR B 59 29.71 22.84 28.93
CA THR B 59 29.55 24.20 28.40
C THR B 59 28.49 24.89 29.26
N VAL B 60 28.94 25.77 30.15
CA VAL B 60 28.07 26.40 31.13
C VAL B 60 27.91 27.86 30.74
N PRO B 61 26.71 28.29 30.33
CA PRO B 61 26.47 29.73 30.13
C PRO B 61 26.45 30.45 31.46
N LEU B 62 27.32 31.43 31.61
CA LEU B 62 27.51 32.13 32.88
C LEU B 62 26.94 33.54 32.80
N VAL B 63 26.32 33.98 33.89
CA VAL B 63 25.73 35.31 33.96
C VAL B 63 26.15 36.00 35.26
N ARG B 72 24.21 29.78 36.88
CA ARG B 72 24.11 29.42 35.47
C ARG B 72 23.06 30.27 34.77
N SER B 73 23.33 30.63 33.52
CA SER B 73 22.42 31.49 32.76
C SER B 73 21.11 30.77 32.49
N ARG B 74 20.01 31.35 32.93
CA ARG B 74 18.68 30.85 32.68
C ARG B 74 18.06 31.60 31.50
N PRO B 75 17.09 30.99 30.81
CA PRO B 75 16.41 31.70 29.71
C PRO B 75 15.78 33.00 30.18
N GLY B 76 16.33 34.12 29.71
CA GLY B 76 15.90 35.45 30.12
C GLY B 76 17.01 36.32 30.67
N ASP B 77 18.15 35.73 31.04
CA ASP B 77 19.25 36.51 31.59
C ASP B 77 19.93 37.35 30.53
N GLY B 78 20.02 36.85 29.29
CA GLY B 78 20.64 37.57 28.20
C GLY B 78 21.94 36.97 27.71
N THR B 79 22.37 35.83 28.26
CA THR B 79 23.60 35.20 27.79
C THR B 79 23.44 34.65 26.37
N ALA B 80 22.28 34.04 26.08
CA ALA B 80 22.02 33.60 24.71
C ALA B 80 21.89 34.77 23.76
N GLU B 81 21.42 35.92 24.24
CA GLU B 81 21.36 37.11 23.40
C GLU B 81 22.75 37.69 23.19
N HIS B 82 23.59 37.67 24.23
CA HIS B 82 24.96 38.17 24.10
C HIS B 82 25.80 37.27 23.18
N LEU B 83 25.46 35.99 23.09
CA LEU B 83 26.17 35.10 22.18
C LEU B 83 25.88 35.46 20.72
N VAL B 84 24.62 35.77 20.41
CA VAL B 84 24.27 36.19 19.05
C VAL B 84 24.91 37.54 18.74
N ALA B 85 24.96 38.43 19.72
CA ALA B 85 25.59 39.73 19.50
C ALA B 85 27.11 39.59 19.32
N ALA B 86 27.73 38.67 20.07
CA ALA B 86 29.16 38.44 19.92
C ALA B 86 29.48 37.76 18.59
N LEU B 87 28.55 36.96 18.06
CA LEU B 87 28.78 36.31 16.77
C LEU B 87 28.52 37.25 15.61
N ALA B 88 27.62 38.22 15.77
CA ALA B 88 27.30 39.16 14.72
C ALA B 88 28.29 40.31 14.63
N ARG B 89 29.13 40.50 15.65
CA ARG B 89 30.12 41.58 15.66
C ARG B 89 31.56 41.04 15.60
N ARG B 90 31.73 39.73 15.42
CA ARG B 90 33.04 39.10 15.35
C ARG B 90 33.90 39.42 16.57
N ALA B 96 41.68 33.45 21.03
CA ALA B 96 42.22 32.50 20.07
C ALA B 96 41.79 31.07 20.40
N ALA B 97 41.29 30.88 21.62
CA ALA B 97 40.82 29.57 22.05
C ALA B 97 39.41 29.26 21.57
N PHE B 98 38.63 30.29 21.22
CA PHE B 98 37.27 30.11 20.73
C PHE B 98 37.16 30.55 19.29
N VAL B 99 36.14 30.04 18.61
CA VAL B 99 35.85 30.40 17.22
C VAL B 99 34.38 30.78 17.14
N LEU B 100 34.12 32.02 16.74
CA LEU B 100 32.76 32.56 16.62
C LEU B 100 32.46 32.79 15.15
N GLU B 101 31.78 31.85 14.53
CA GLU B 101 31.41 31.95 13.13
C GLU B 101 30.01 32.55 12.99
N ALA B 102 29.76 33.14 11.82
CA ALA B 102 28.46 33.74 11.52
C ALA B 102 28.17 33.58 10.04
N PHE B 103 26.88 33.50 9.71
CA PHE B 103 26.43 33.34 8.34
C PHE B 103 25.29 34.30 8.07
N THR B 104 25.38 35.02 6.94
CA THR B 104 24.34 35.96 6.56
C THR B 104 23.85 35.68 5.13
N GLY B 111 15.07 40.07 23.87
CA GLY B 111 14.46 39.09 24.74
C GLY B 111 14.72 37.66 24.28
N GLU B 112 14.67 36.72 25.23
CA GLU B 112 14.94 35.32 24.93
C GLU B 112 13.96 34.45 25.70
N ARG B 113 13.56 33.34 25.07
CA ARG B 113 12.58 32.41 25.64
C ARG B 113 13.07 31.00 25.39
N GLY B 114 13.49 30.30 26.45
CA GLY B 114 14.06 28.98 26.30
C GLY B 114 13.02 27.87 26.29
N ILE B 115 13.46 26.69 25.84
CA ILE B 115 12.64 25.50 25.81
C ILE B 115 13.54 24.28 25.60
N ILE B 116 13.41 23.29 26.47
CA ILE B 116 14.21 22.07 26.37
C ILE B 116 13.34 20.89 25.97
N ASN B 121 21.48 19.07 26.54
CA ASN B 121 21.41 20.26 25.71
C ASN B 121 20.30 21.20 26.16
N GLU B 122 20.38 22.45 25.74
CA GLU B 122 19.38 23.45 26.09
C GLU B 122 19.23 24.42 24.92
N SER B 123 18.03 24.48 24.34
CA SER B 123 17.73 25.38 23.24
C SER B 123 17.02 26.61 23.79
N VAL B 124 17.56 27.79 23.48
CA VAL B 124 17.02 29.06 23.94
C VAL B 124 16.74 29.93 22.73
N ILE B 125 15.47 30.20 22.47
CA ILE B 125 15.10 31.11 21.40
C ILE B 125 15.54 32.53 21.76
N VAL B 126 16.04 33.27 20.77
CA VAL B 126 16.52 34.63 20.97
C VAL B 126 15.76 35.54 20.02
N GLY B 127 14.96 36.45 20.58
CA GLY B 127 14.23 37.41 19.78
C GLY B 127 13.17 36.82 18.87
N GLU B 128 12.73 35.59 19.15
CA GLU B 128 11.74 34.90 18.33
C GLU B 128 12.16 34.84 16.86
N CYS B 129 13.45 34.60 16.64
CA CYS B 129 13.99 34.59 15.28
C CYS B 129 15.19 33.66 15.15
N ALA B 130 15.84 33.36 16.28
CA ALA B 130 17.01 32.49 16.29
C ALA B 130 16.95 31.57 17.49
N VAL B 131 17.43 30.35 17.31
CA VAL B 131 17.47 29.33 18.36
C VAL B 131 18.93 29.08 18.72
N VAL B 132 19.30 29.38 19.95
CA VAL B 132 20.63 29.12 20.47
C VAL B 132 20.58 27.82 21.26
N LYS B 133 21.40 26.84 20.87
CA LYS B 133 21.42 25.53 21.51
C LYS B 133 22.79 25.31 22.13
N TRP B 134 22.84 25.16 23.44
CA TRP B 134 24.07 24.88 24.15
C TRP B 134 24.33 23.38 24.18
N ALA B 135 25.59 23.03 24.40
CA ALA B 135 26.02 21.63 24.50
C ALA B 135 26.36 21.37 25.97
N VAL B 136 25.39 20.83 26.71
CA VAL B 136 25.55 20.65 28.15
C VAL B 136 26.76 19.78 28.46
N ARG B 137 26.73 18.53 28.00
CA ARG B 137 27.82 17.61 28.24
C ARG B 137 28.84 17.69 27.11
N LEU B 138 30.12 17.69 27.48
CA LEU B 138 31.20 17.76 26.51
C LEU B 138 32.05 16.49 26.57
N PRO B 139 32.66 16.10 25.45
CA PRO B 139 33.51 14.90 25.46
C PRO B 139 34.83 15.11 26.20
N ALA B 140 35.69 14.10 26.18
CA ALA B 140 37.00 14.21 26.81
C ALA B 140 37.95 15.00 25.92
N GLU B 141 39.16 15.22 26.41
CA GLU B 141 40.16 15.98 25.67
C GLU B 141 40.65 15.21 24.45
N GLU B 143 36.70 12.19 22.70
CA GLU B 143 37.37 13.38 22.16
C GLU B 143 36.52 14.12 21.10
N PRO B 144 35.93 13.42 20.13
CA PRO B 144 35.08 14.13 19.15
C PRO B 144 33.84 14.71 19.83
N GLY B 145 33.47 15.91 19.39
CA GLY B 145 32.33 16.62 19.92
C GLY B 145 31.06 16.36 19.15
N SER B 146 30.17 17.35 19.17
CA SER B 146 28.90 17.21 18.46
C SER B 146 29.12 17.36 16.96
N PRO B 147 28.68 16.40 16.15
CA PRO B 147 28.85 16.50 14.70
C PRO B 147 27.83 17.38 13.99
N ALA B 148 27.01 18.12 14.75
CA ALA B 148 25.95 18.91 14.12
C ALA B 148 26.50 19.97 13.18
N ALA B 149 27.71 20.49 13.47
CA ALA B 149 28.31 21.47 12.58
C ALA B 149 28.67 20.84 11.23
N GLN B 150 29.23 19.63 11.25
CA GLN B 150 29.61 18.97 10.01
C GLN B 150 28.39 18.46 9.24
N ARG B 151 27.33 18.07 9.95
CA ARG B 151 26.13 17.60 9.28
C ARG B 151 25.43 18.74 8.54
N ILE B 152 25.22 19.87 9.23
CA ILE B 152 24.53 20.99 8.61
C ILE B 152 25.35 21.57 7.47
N ALA B 153 26.67 21.61 7.63
CA ALA B 153 27.52 22.15 6.58
C ALA B 153 27.50 21.28 5.33
N ALA B 154 27.46 19.96 5.51
CA ALA B 154 27.39 19.07 4.36
C ALA B 154 26.03 19.12 3.67
N LEU B 155 24.97 19.30 4.44
CA LEU B 155 23.64 19.43 3.85
C LEU B 155 23.49 20.73 3.07
N ALA B 156 23.97 21.84 3.64
CA ALA B 156 23.86 23.13 2.96
C ALA B 156 24.71 23.15 1.70
N ARG B 157 25.88 22.51 1.73
CA ARG B 157 26.74 22.45 0.56
C ARG B 157 26.19 21.54 -0.52
N GLY B 158 25.31 20.61 -0.16
CA GLY B 158 24.70 19.70 -1.11
C GLY B 158 23.35 20.12 -1.64
N GLY B 159 22.89 21.33 -1.29
CA GLY B 159 21.61 21.82 -1.75
C GLY B 159 20.44 21.49 -0.86
N PHE B 160 20.65 20.77 0.24
CA PHE B 160 19.57 20.42 1.16
C PHE B 160 19.10 21.68 1.88
N THR B 161 17.82 22.01 1.71
CA THR B 161 17.24 23.21 2.30
C THR B 161 16.15 22.92 3.32
N GLU B 162 15.72 21.66 3.47
CA GLU B 162 14.64 21.30 4.38
C GLU B 162 15.14 21.25 5.83
N MET B 163 15.60 22.40 6.31
CA MET B 163 16.15 22.56 7.64
C MET B 163 16.19 24.05 7.96
N PRO B 164 16.22 24.41 9.24
CA PRO B 164 16.29 25.84 9.60
C PRO B 164 17.59 26.45 9.10
N ARG B 165 17.50 27.74 8.76
CA ARG B 165 18.66 28.45 8.22
C ARG B 165 19.71 28.63 9.32
N PRO B 166 20.96 28.23 9.08
CA PRO B 166 21.99 28.43 10.11
C PRO B 166 22.38 29.89 10.23
N TRP B 167 22.60 30.32 11.47
CA TRP B 167 23.02 31.69 11.76
C TRP B 167 24.50 31.73 12.16
N GLY B 168 24.85 31.15 13.31
CA GLY B 168 26.22 31.20 13.79
C GLY B 168 26.74 29.88 14.30
N LEU B 169 27.93 29.89 14.89
CA LEU B 169 28.56 28.67 15.37
C LEU B 169 29.66 29.04 16.37
N LEU B 170 29.69 28.35 17.50
CA LEU B 170 30.71 28.55 18.52
C LEU B 170 31.45 27.24 18.73
N THR B 171 32.76 27.26 18.50
CA THR B 171 33.58 26.06 18.59
C THR B 171 34.81 26.33 19.45
N LEU B 172 35.14 25.37 20.31
CA LEU B 172 36.33 25.45 21.15
C LEU B 172 37.49 24.80 20.40
N ALA B 173 38.32 25.64 19.78
CA ALA B 173 39.48 25.16 19.02
C ALA B 173 40.77 25.32 19.81
N GLU B 174 40.76 24.86 21.06
CA GLU B 174 41.91 24.96 21.95
C GLU B 174 42.62 23.63 22.16
N GLY B 175 41.88 22.55 22.36
CA GLY B 175 42.47 21.25 22.60
C GLY B 175 42.86 20.54 21.32
N ALA B 176 43.12 19.24 21.46
CA ALA B 176 43.49 18.43 20.30
C ALA B 176 42.31 18.17 19.38
N GLN B 177 41.09 18.21 19.92
CA GLN B 177 39.88 17.99 19.14
C GLN B 177 38.96 19.19 19.29
N PRO B 178 38.68 19.94 18.22
CA PRO B 178 37.73 21.05 18.33
C PRO B 178 36.34 20.54 18.67
N VAL B 179 35.79 21.06 19.76
CA VAL B 179 34.50 20.62 20.29
C VAL B 179 33.47 21.71 20.04
N LEU B 180 32.30 21.31 19.54
CA LEU B 180 31.23 22.26 19.30
C LEU B 180 30.60 22.68 20.63
N LEU B 181 30.47 23.99 20.83
CA LEU B 181 29.94 24.55 22.07
C LEU B 181 28.53 25.08 21.93
N ALA B 182 28.18 25.71 20.82
CA ALA B 182 26.84 26.26 20.63
C ALA B 182 26.55 26.36 19.15
N SER B 183 25.27 26.21 18.81
CA SER B 183 24.79 26.35 17.45
C SER B 183 23.60 27.31 17.44
N VAL B 184 23.56 28.18 16.44
CA VAL B 184 22.50 29.16 16.29
C VAL B 184 21.88 28.99 14.92
N VAL B 185 20.61 28.60 14.89
CA VAL B 185 19.85 28.43 13.65
C VAL B 185 18.62 29.32 13.71
N ALA B 186 17.96 29.46 12.56
CA ALA B 186 16.77 30.30 12.48
C ALA B 186 15.60 29.63 13.21
N TYR B 187 14.84 30.45 13.94
CA TYR B 187 13.66 29.97 14.65
C TYR B 187 12.45 30.02 13.73
N LEU B 188 11.78 28.89 13.57
CA LEU B 188 10.57 28.83 12.75
C LEU B 188 9.37 29.12 13.64
N PRO B 189 8.72 30.27 13.52
CA PRO B 189 7.58 30.57 14.39
C PRO B 189 6.36 29.74 14.03
N GLY B 190 5.60 29.36 15.05
CA GLY B 190 4.43 28.54 14.84
C GLY B 190 4.70 27.15 14.33
N ALA B 191 5.92 26.65 14.52
CA ALA B 191 6.29 25.32 14.06
C ALA B 191 6.07 24.29 15.17
N LEU B 192 5.68 23.09 14.76
CA LEU B 192 5.45 21.98 15.67
C LEU B 192 6.34 20.81 15.28
N ASP B 193 6.78 20.05 16.28
CA ASP B 193 7.55 18.84 16.01
C ASP B 193 6.62 17.67 15.72
N GLY B 194 7.22 16.56 15.29
CA GLY B 194 6.42 15.43 14.84
C GLY B 194 5.50 14.88 15.91
N TRP B 195 5.93 14.92 17.17
CA TRP B 195 5.12 14.35 18.25
C TRP B 195 3.86 15.20 18.48
N ASP B 196 3.74 16.31 17.76
CA ASP B 196 2.56 17.17 17.80
C ASP B 196 1.75 17.10 16.51
N TRP B 197 2.38 17.32 15.35
CA TRP B 197 1.60 17.34 14.11
C TRP B 197 1.29 15.95 13.60
N ALA B 198 2.15 14.96 13.84
CA ALA B 198 1.85 13.61 13.40
C ALA B 198 0.75 12.99 14.27
N VAL B 199 0.78 13.26 15.58
CA VAL B 199 -0.29 12.82 16.45
C VAL B 199 -1.61 13.50 16.07
N ASP B 200 -1.55 14.79 15.73
CA ASP B 200 -2.76 15.51 15.34
C ASP B 200 -3.30 14.99 14.01
N ASP B 201 -2.41 14.67 13.07
CA ASP B 201 -2.87 14.15 11.78
C ASP B 201 -3.58 12.82 11.93
N VAL B 202 -3.02 11.91 12.74
CA VAL B 202 -3.64 10.60 12.94
C VAL B 202 -4.92 10.73 13.75
N ARG B 203 -4.97 11.67 14.69
CA ARG B 203 -6.20 11.89 15.44
C ARG B 203 -7.32 12.40 14.53
N ARG B 204 -6.98 13.31 13.61
CA ARG B 204 -7.97 13.76 12.63
C ARG B 204 -8.39 12.64 11.70
N LEU B 205 -7.47 11.72 11.39
CA LEU B 205 -7.83 10.55 10.58
C LEU B 205 -8.83 9.67 11.32
N ALA B 206 -8.60 9.44 12.62
CA ALA B 206 -9.50 8.61 13.41
C ALA B 206 -10.88 9.25 13.56
N ARG B 207 -10.95 10.58 13.54
CA ARG B 207 -12.21 11.29 13.62
C ARG B 207 -12.89 11.46 12.27
N GLY B 208 -12.26 11.00 11.19
CA GLY B 208 -12.82 11.15 9.86
C GLY B 208 -12.61 12.51 9.22
N GLU B 209 -11.81 13.38 9.84
CA GLU B 209 -11.55 14.70 9.27
C GLU B 209 -10.54 14.65 8.13
N LEU B 210 -9.77 13.57 8.03
CA LEU B 210 -8.81 13.40 6.94
C LEU B 210 -8.97 12.02 6.33
N THR B 211 -8.68 11.92 5.04
CA THR B 211 -8.66 10.62 4.39
C THR B 211 -7.33 9.92 4.67
N MET B 212 -7.29 8.63 4.34
CA MET B 212 -6.05 7.88 4.52
C MET B 212 -4.93 8.45 3.67
N ASP B 213 -5.23 8.80 2.41
CA ASP B 213 -4.21 9.38 1.55
C ASP B 213 -3.72 10.72 2.09
N GLN B 214 -4.62 11.50 2.70
CA GLN B 214 -4.20 12.75 3.31
C GLN B 214 -3.29 12.52 4.51
N ALA B 215 -3.59 11.48 5.30
CA ALA B 215 -2.77 11.17 6.47
C ALA B 215 -1.45 10.52 6.09
N LEU B 216 -1.38 9.86 4.93
CA LEU B 216 -0.14 9.20 4.52
C LEU B 216 0.79 10.15 3.77
N LEU B 217 0.30 11.29 3.31
CA LEU B 217 1.15 12.21 2.56
C LEU B 217 2.33 12.74 3.38
N PRO B 218 2.18 13.13 4.66
CA PRO B 218 3.38 13.52 5.42
C PRO B 218 4.40 12.41 5.53
N ALA B 219 3.96 11.16 5.67
CA ALA B 219 4.90 10.04 5.76
C ALA B 219 5.65 9.85 4.44
N ALA B 220 4.99 10.10 3.31
CA ALA B 220 5.66 10.01 2.02
C ALA B 220 6.64 11.16 1.82
N GLN B 221 6.23 12.37 2.18
CA GLN B 221 7.13 13.52 2.05
C GLN B 221 8.32 13.41 2.99
N LEU B 222 8.14 12.77 4.15
CA LEU B 222 9.28 12.51 5.03
C LEU B 222 10.24 11.49 4.40
N GLY B 223 9.71 10.56 3.60
CA GLY B 223 10.58 9.63 2.91
C GLY B 223 11.46 10.29 1.87
N THR B 224 10.89 11.23 1.10
CA THR B 224 11.68 11.95 0.12
C THR B 224 12.68 12.87 0.81
N LEU B 225 12.28 13.48 1.93
CA LEU B 225 13.21 14.34 2.67
C LEU B 225 14.39 13.54 3.21
N THR B 226 14.13 12.32 3.72
CA THR B 226 15.20 11.51 4.28
C THR B 226 16.19 11.09 3.20
N ALA B 227 15.70 10.80 1.99
CA ALA B 227 16.59 10.40 0.91
C ALA B 227 17.47 11.56 0.45
N ARG B 228 16.90 12.77 0.35
CA ARG B 228 17.71 13.93 0.01
C ARG B 228 18.74 14.23 1.10
N MET B 229 18.38 13.97 2.36
CA MET B 229 19.33 14.17 3.46
C MET B 229 20.48 13.17 3.37
N HIS B 230 20.17 11.89 3.17
CA HIS B 230 21.22 10.88 3.05
C HIS B 230 22.06 11.09 1.80
N ALA B 231 21.43 11.50 0.69
CA ALA B 231 22.18 11.74 -0.54
C ALA B 231 23.15 12.89 -0.38
N ALA B 232 22.76 13.92 0.37
CA ALA B 232 23.67 15.04 0.63
C ALA B 232 24.75 14.66 1.64
N LEU B 233 24.39 13.87 2.66
CA LEU B 233 25.37 13.48 3.66
C LEU B 233 26.35 12.45 3.11
N ALA B 234 25.90 11.58 2.20
CA ALA B 234 26.80 10.60 1.60
C ALA B 234 27.82 11.23 0.68
N ALA B 235 27.66 12.50 0.32
CA ALA B 235 28.65 13.16 -0.54
C ALA B 235 30.01 13.26 0.14
N ARG B 236 30.03 13.26 1.48
CA ARG B 236 31.30 13.30 2.20
C ARG B 236 32.07 11.99 2.12
N GLY B 237 31.46 10.92 1.59
CA GLY B 237 32.13 9.65 1.41
C GLY B 237 31.39 8.51 2.09
N ARG B 238 31.85 7.31 1.76
CA ARG B 238 31.30 6.08 2.31
C ARG B 238 32.42 5.25 2.93
N THR B 239 32.07 4.49 3.96
CA THR B 239 33.02 3.65 4.66
C THR B 239 32.43 2.25 4.80
N PRO B 240 33.04 1.22 4.21
CA PRO B 240 32.52 -0.14 4.39
C PRO B 240 32.71 -0.60 5.84
N ALA B 241 31.65 -1.15 6.41
CA ALA B 241 31.70 -1.64 7.77
C ALA B 241 32.60 -2.88 7.86
N THR B 242 33.59 -2.83 8.74
CA THR B 242 34.49 -3.96 8.92
C THR B 242 33.81 -5.06 9.73
N ALA B 243 34.47 -6.22 9.79
CA ALA B 243 33.96 -7.33 10.59
C ALA B 243 33.94 -6.97 12.07
N ALA B 244 34.86 -6.12 12.51
CA ALA B 244 34.86 -5.68 13.90
C ALA B 244 33.72 -4.69 14.16
N ASP B 245 33.33 -3.92 13.16
CA ASP B 245 32.22 -2.98 13.33
C ASP B 245 30.90 -3.73 13.53
N VAL B 246 30.62 -4.71 12.66
CA VAL B 246 29.37 -5.46 12.79
C VAL B 246 29.40 -6.34 14.03
N ALA B 247 30.59 -6.76 14.48
CA ALA B 247 30.68 -7.52 15.71
C ALA B 247 30.42 -6.64 16.92
N ALA B 248 30.87 -5.38 16.87
CA ALA B 248 30.58 -4.45 17.96
C ALA B 248 29.09 -4.13 18.04
N TRP B 249 28.40 -4.15 16.91
CA TRP B 249 26.95 -3.95 16.92
C TRP B 249 26.25 -5.09 17.64
N GLY B 250 26.64 -6.33 17.33
CA GLY B 250 25.97 -7.48 17.92
C GLY B 250 26.10 -7.53 19.43
N VAL B 251 27.32 -7.31 19.94
CA VAL B 251 27.52 -7.34 21.39
C VAL B 251 26.78 -6.18 22.06
N ARG B 252 26.73 -5.03 21.39
CA ARG B 252 26.02 -3.88 21.97
C ARG B 252 24.51 -4.10 21.95
N MET B 253 23.99 -4.66 20.86
CA MET B 253 22.55 -4.91 20.79
C MET B 253 22.13 -6.08 21.67
N ARG B 254 22.99 -7.08 21.83
CA ARG B 254 22.68 -8.18 22.74
C ARG B 254 22.75 -7.72 24.19
N GLU B 255 23.69 -6.83 24.52
CA GLU B 255 23.79 -6.32 25.87
C GLU B 255 22.55 -5.53 26.26
N GLU B 256 22.04 -4.70 25.34
CA GLU B 256 20.84 -3.94 25.62
C GLU B 256 19.62 -4.84 25.74
N LEU B 257 19.55 -5.89 24.93
CA LEU B 257 18.45 -6.84 25.03
C LEU B 257 18.45 -7.52 26.40
N ASP B 258 19.63 -7.90 26.90
CA ASP B 258 19.70 -8.52 28.21
C ASP B 258 19.32 -7.54 29.31
N GLU B 259 19.68 -6.27 29.14
CA GLU B 259 19.32 -5.26 30.15
C GLU B 259 17.82 -5.04 30.20
N ALA B 260 17.16 -4.99 29.04
CA ALA B 260 15.72 -4.80 29.01
C ALA B 260 14.99 -6.00 29.63
N VAL B 261 15.42 -7.21 29.29
CA VAL B 261 14.78 -8.40 29.84
C VAL B 261 14.87 -8.40 31.36
N ALA B 262 15.99 -7.95 31.91
CA ALA B 262 16.21 -7.95 33.34
C ALA B 262 15.65 -6.71 34.04
N SER B 263 14.99 -5.81 33.31
CA SER B 263 14.52 -4.57 33.92
C SER B 263 13.03 -4.32 33.68
N VAL B 264 12.50 -4.83 32.57
CA VAL B 264 11.09 -4.65 32.26
C VAL B 264 10.26 -5.57 33.16
N PRO B 265 9.36 -5.02 33.98
CA PRO B 265 8.65 -5.86 34.95
C PRO B 265 7.30 -6.34 34.47
N GLY B 266 6.64 -7.16 35.28
CA GLY B 266 5.27 -7.56 35.07
C GLY B 266 5.07 -8.37 33.80
N ALA B 267 3.84 -8.32 33.28
CA ALA B 267 3.50 -9.11 32.10
C ALA B 267 4.28 -8.66 30.88
N GLU B 268 4.58 -7.37 30.77
CA GLU B 268 5.37 -6.88 29.64
C GLU B 268 6.75 -7.52 29.62
N GLY B 269 7.36 -7.70 30.79
CA GLY B 269 8.65 -8.35 30.85
C GLY B 269 8.60 -9.82 30.50
N GLU B 270 7.51 -10.50 30.85
CA GLU B 270 7.37 -11.91 30.51
C GLU B 270 7.25 -12.11 29.00
N ARG B 271 6.49 -11.23 28.33
CA ARG B 271 6.37 -11.33 26.88
C ARG B 271 7.69 -10.99 26.20
N LEU B 272 8.41 -9.99 26.73
CA LEU B 272 9.71 -9.65 26.17
C LEU B 272 10.72 -10.77 26.37
N LYS B 273 10.66 -11.46 27.52
CA LYS B 273 11.59 -12.56 27.76
C LYS B 273 11.31 -13.72 26.83
N ALA B 274 10.04 -13.99 26.51
CA ALA B 274 9.73 -15.02 25.54
C ALA B 274 10.20 -14.63 24.14
N TRP B 275 10.13 -13.34 23.81
CA TRP B 275 10.59 -12.85 22.52
C TRP B 275 12.10 -12.77 22.42
N ALA B 276 12.79 -12.68 23.55
CA ALA B 276 14.24 -12.45 23.53
C ALA B 276 15.03 -13.49 22.73
N PRO B 277 14.76 -14.80 22.84
CA PRO B 277 15.51 -15.74 21.98
C PRO B 277 15.30 -15.49 20.49
N ARG B 278 14.08 -15.14 20.08
CA ARG B 278 13.83 -14.83 18.69
C ARG B 278 14.58 -13.57 18.26
N ILE B 279 14.58 -12.54 19.10
CA ILE B 279 15.30 -11.31 18.79
C ILE B 279 16.80 -11.58 18.73
N ALA B 280 17.31 -12.41 19.65
CA ALA B 280 18.74 -12.70 19.66
C ALA B 280 19.18 -13.47 18.42
N ASP B 281 18.29 -14.30 17.85
CA ASP B 281 18.62 -15.00 16.63
C ASP B 281 18.77 -14.04 15.47
N VAL B 282 17.93 -13.00 15.41
CA VAL B 282 18.06 -12.00 14.35
C VAL B 282 19.34 -11.20 14.53
N TYR B 283 19.75 -10.94 15.77
CA TYR B 283 21.00 -10.24 16.02
C TYR B 283 22.21 -11.02 15.53
N ALA B 284 22.10 -12.35 15.42
CA ALA B 284 23.24 -13.16 15.01
C ALA B 284 23.54 -13.04 13.52
N GLU B 285 22.56 -12.61 12.70
CA GLU B 285 22.78 -12.48 11.27
C GLU B 285 23.57 -11.24 10.91
N LEU B 286 23.89 -10.38 11.88
CA LEU B 286 24.70 -9.19 11.61
C LEU B 286 26.13 -9.55 11.21
N ASP B 287 26.62 -10.72 11.61
CA ASP B 287 27.99 -11.09 11.30
C ASP B 287 28.20 -11.27 9.81
N ALA B 288 27.15 -11.59 9.07
CA ALA B 288 27.24 -11.77 7.62
C ALA B 288 26.94 -10.50 6.85
N LEU B 289 26.85 -9.35 7.53
CA LEU B 289 26.55 -8.08 6.89
C LEU B 289 27.75 -7.15 6.85
N ALA B 290 28.96 -7.69 6.98
CA ALA B 290 30.17 -6.87 6.90
C ALA B 290 30.32 -6.30 5.49
N GLY B 291 30.79 -5.05 5.43
CA GLY B 291 30.92 -4.34 4.17
C GLY B 291 29.76 -3.43 3.83
N THR B 292 28.73 -3.38 4.67
CA THR B 292 27.61 -2.49 4.40
C THR B 292 28.07 -1.04 4.49
N PRO B 293 27.55 -0.15 3.64
CA PRO B 293 28.07 1.22 3.59
C PRO B 293 27.70 2.01 4.85
N LEU B 294 28.69 2.72 5.39
CA LEU B 294 28.49 3.63 6.51
C LEU B 294 28.73 5.05 6.04
N ILE B 295 27.79 5.95 6.33
CA ILE B 295 27.87 7.34 5.94
C ILE B 295 27.57 8.21 7.16
N ASP B 296 27.71 9.52 6.97
CA ASP B 296 27.24 10.46 7.97
C ASP B 296 25.72 10.42 8.00
N VAL B 297 25.16 10.24 9.20
CA VAL B 297 23.71 10.10 9.36
C VAL B 297 23.22 11.13 10.36
N HIS B 298 21.90 11.19 10.50
CA HIS B 298 21.30 12.04 11.53
C HIS B 298 21.65 11.54 12.93
N GLY B 299 21.57 10.22 13.13
CA GLY B 299 21.98 9.59 14.36
C GLY B 299 20.87 9.40 15.39
N ASP B 300 19.85 10.24 15.35
CA ASP B 300 18.76 10.19 16.32
C ASP B 300 17.46 10.59 15.61
N PHE B 301 17.15 9.87 14.53
CA PHE B 301 16.11 10.28 13.60
C PHE B 301 14.75 9.75 14.07
N HIS B 302 13.84 10.68 14.38
CA HIS B 302 12.46 10.35 14.73
C HIS B 302 11.59 11.55 14.40
N VAL B 303 10.27 11.37 14.55
CA VAL B 303 9.33 12.42 14.14
C VAL B 303 9.55 13.69 14.94
N GLY B 304 9.95 13.57 16.21
CA GLY B 304 10.21 14.74 17.03
C GLY B 304 11.30 15.64 16.50
N GLN B 305 12.13 15.13 15.58
CA GLN B 305 13.17 15.92 14.94
C GLN B 305 12.70 16.56 13.63
N ILE B 306 11.43 16.37 13.26
CA ILE B 306 10.88 16.91 12.02
C ILE B 306 9.86 17.98 12.40
N LEU B 307 10.21 19.25 12.16
CA LEU B 307 9.32 20.36 12.43
C LEU B 307 8.51 20.69 11.17
N ARG B 308 7.21 20.90 11.34
CA ARG B 308 6.33 21.28 10.25
C ARG B 308 5.77 22.68 10.51
N ALA B 309 5.80 23.53 9.49
CA ALA B 309 5.28 24.88 9.59
C ALA B 309 4.85 25.34 8.21
N ASP B 310 3.59 25.77 8.10
CA ASP B 310 3.03 26.27 6.84
C ASP B 310 3.13 25.22 5.73
N GLY B 311 2.97 23.95 6.11
CA GLY B 311 3.05 22.86 5.15
C GLY B 311 4.45 22.50 4.72
N ARG B 312 5.48 23.10 5.30
CA ARG B 312 6.87 22.80 4.99
C ARG B 312 7.52 22.05 6.15
N TYR B 313 8.49 21.21 5.83
CA TYR B 313 9.15 20.36 6.82
C TYR B 313 10.62 20.75 6.94
N ALA B 314 11.14 20.65 8.16
CA ALA B 314 12.53 20.97 8.45
C ALA B 314 13.08 19.97 9.47
N VAL B 315 14.33 19.56 9.27
CA VAL B 315 14.99 18.62 10.16
C VAL B 315 15.87 19.38 11.14
N VAL B 316 15.87 18.93 12.39
CA VAL B 316 16.65 19.55 13.46
C VAL B 316 17.35 18.47 14.25
N ASP B 317 18.19 18.90 15.19
CA ASP B 317 18.84 18.04 16.19
C ASP B 317 19.77 17.03 15.50
N PHE B 318 20.89 17.56 15.01
CA PHE B 318 21.95 16.76 14.41
C PHE B 318 23.09 16.48 15.37
N ASP B 319 22.81 16.47 16.68
CA ASP B 319 23.84 16.28 17.69
C ASP B 319 24.17 14.83 17.96
N GLY B 320 23.41 13.89 17.40
CA GLY B 320 23.66 12.47 17.60
C GLY B 320 22.80 11.89 18.72
N ASN B 321 22.84 10.57 18.81
CA ASN B 321 22.04 9.86 19.80
C ASN B 321 22.58 10.14 21.20
N PRO B 322 21.77 10.67 22.12
CA PRO B 322 22.29 10.96 23.47
C PRO B 322 22.68 9.72 24.25
N VAL B 323 22.10 8.56 23.96
CA VAL B 323 22.46 7.35 24.68
C VAL B 323 23.82 6.80 24.25
N LEU B 324 24.36 7.26 23.13
CA LEU B 324 25.68 6.84 22.69
C LEU B 324 26.76 7.67 23.40
N PRO B 325 27.95 7.10 23.56
CA PRO B 325 29.05 7.88 24.14
C PRO B 325 29.42 9.06 23.27
N ALA B 326 30.06 10.05 23.89
CA ALA B 326 30.41 11.28 23.18
C ALA B 326 31.43 11.04 22.08
N ASP B 327 32.21 9.97 22.16
CA ASP B 327 33.21 9.65 21.16
C ASP B 327 32.67 8.75 20.05
N GLN B 328 31.35 8.64 19.92
CA GLN B 328 30.74 7.80 18.89
C GLN B 328 29.58 8.47 18.16
N ARG B 329 29.08 9.62 18.62
CA ARG B 329 27.97 10.26 17.94
C ARG B 329 28.36 10.79 16.57
N ALA B 330 29.64 11.08 16.36
CA ALA B 330 30.13 11.59 15.09
C ALA B 330 30.61 10.49 14.15
N ALA B 331 30.60 9.23 14.59
CA ALA B 331 31.04 8.14 13.75
C ALA B 331 30.03 7.85 12.65
N ARG B 332 30.53 7.31 11.54
CA ARG B 332 29.65 6.97 10.43
C ARG B 332 28.84 5.71 10.76
N GLN B 333 27.57 5.73 10.38
CA GLN B 333 26.61 4.71 10.75
C GLN B 333 25.79 4.36 9.51
N PRO B 334 25.11 3.21 9.51
CA PRO B 334 24.29 2.85 8.36
C PRO B 334 23.13 3.83 8.17
N ALA B 335 22.85 4.13 6.90
CA ALA B 335 21.69 4.97 6.60
C ALA B 335 20.39 4.30 7.05
N ALA B 336 20.37 2.97 7.12
CA ALA B 336 19.17 2.27 7.57
C ALA B 336 18.85 2.57 9.02
N LEU B 337 19.85 2.99 9.82
CA LEU B 337 19.59 3.35 11.21
C LEU B 337 18.63 4.53 11.31
N ASP B 338 18.81 5.53 10.44
CA ASP B 338 17.85 6.64 10.38
C ASP B 338 16.50 6.16 9.85
N VAL B 339 16.50 5.21 8.92
CA VAL B 339 15.26 4.73 8.33
C VAL B 339 14.44 3.97 9.38
N VAL B 340 15.09 3.09 10.14
CA VAL B 340 14.36 2.35 11.16
C VAL B 340 13.96 3.27 12.30
N GLY B 341 14.74 4.33 12.55
CA GLY B 341 14.36 5.28 13.58
C GLY B 341 13.09 6.03 13.25
N MET B 342 12.94 6.40 11.97
CA MET B 342 11.74 7.13 11.56
C MET B 342 10.53 6.21 11.46
N THR B 343 10.70 5.02 10.89
CA THR B 343 9.57 4.10 10.74
C THR B 343 9.08 3.61 12.09
N ALA B 344 10.00 3.35 13.02
CA ALA B 344 9.59 2.99 14.37
C ALA B 344 8.84 4.13 15.05
N SER B 345 9.31 5.36 14.85
CA SER B 345 8.64 6.52 15.45
CA SER B 345 8.64 6.52 15.45
C SER B 345 7.24 6.69 14.90
N LEU B 346 7.05 6.44 13.60
CA LEU B 346 5.71 6.51 13.02
C LEU B 346 4.81 5.46 13.64
N ASP B 347 5.32 4.24 13.84
CA ASP B 347 4.57 3.23 14.57
C ASP B 347 4.20 3.72 15.96
N HIS B 348 5.15 4.36 16.66
CA HIS B 348 4.89 4.79 18.03
C HIS B 348 3.88 5.95 18.07
N VAL B 349 3.82 6.76 17.01
CA VAL B 349 2.80 7.80 16.94
C VAL B 349 1.41 7.17 17.01
N GLY B 350 1.19 6.09 16.25
CA GLY B 350 -0.09 5.43 16.28
C GLY B 350 -0.40 4.82 17.64
N ARG B 351 0.61 4.24 18.30
CA ARG B 351 0.41 3.71 19.63
C ARG B 351 0.01 4.81 20.61
N VAL B 352 0.63 5.99 20.47
CA VAL B 352 0.32 7.11 21.35
C VAL B 352 -1.10 7.61 21.11
N VAL B 353 -1.52 7.69 19.84
CA VAL B 353 -2.87 8.14 19.52
C VAL B 353 -3.91 7.22 20.16
N VAL B 354 -3.72 5.91 20.03
CA VAL B 354 -4.65 4.97 20.64
C VAL B 354 -4.60 5.06 22.16
N PHE B 355 -3.43 5.33 22.71
CA PHE B 355 -3.27 5.31 24.17
C PHE B 355 -3.89 6.54 24.82
N ARG B 356 -3.72 7.72 24.21
CA ARG B 356 -4.08 8.98 24.86
C ARG B 356 -5.43 9.54 24.44
N THR B 357 -5.98 9.10 23.30
CA THR B 357 -7.19 9.72 22.77
C THR B 357 -8.42 9.01 23.31
N PRO B 358 -9.29 9.68 24.06
CA PRO B 358 -10.53 9.03 24.52
C PRO B 358 -11.47 8.76 23.35
N ASP B 359 -12.15 7.62 23.42
CA ASP B 359 -13.14 7.19 22.44
C ASP B 359 -12.53 7.04 21.04
N VAL B 360 -11.23 6.81 20.95
CA VAL B 360 -10.57 6.71 19.66
C VAL B 360 -10.94 5.37 19.00
N ASP B 361 -11.07 5.39 17.68
CA ASP B 361 -11.24 4.17 16.90
C ASP B 361 -9.86 3.67 16.52
N PRO B 362 -9.37 2.57 17.10
CA PRO B 362 -8.00 2.12 16.80
C PRO B 362 -7.84 1.50 15.43
N ALA B 363 -8.94 1.19 14.72
CA ALA B 363 -8.81 0.51 13.44
C ALA B 363 -8.13 1.37 12.38
N PRO B 364 -8.57 2.61 12.12
CA PRO B 364 -7.85 3.42 11.11
C PRO B 364 -6.46 3.82 11.57
N VAL B 365 -6.24 3.97 12.87
CA VAL B 365 -4.91 4.30 13.37
C VAL B 365 -3.95 3.16 13.14
N ARG B 366 -4.37 1.93 13.47
CA ARG B 366 -3.50 0.77 13.27
C ARG B 366 -3.29 0.48 11.79
N ALA B 367 -4.29 0.75 10.95
CA ALA B 367 -4.09 0.66 9.51
C ALA B 367 -3.13 1.75 9.03
N TRP B 368 -3.18 2.93 9.64
CA TRP B 368 -2.24 3.98 9.29
C TRP B 368 -0.81 3.62 9.66
N ILE B 369 -0.63 2.89 10.78
CA ILE B 369 0.71 2.52 11.22
C ILE B 369 1.42 1.71 10.15
N ALA B 370 0.74 0.71 9.59
CA ALA B 370 1.35 -0.11 8.56
C ALA B 370 1.54 0.67 7.26
N ALA B 371 0.55 1.48 6.89
CA ALA B 371 0.62 2.21 5.63
C ALA B 371 1.59 3.37 5.67
N ALA B 372 1.77 4.01 6.84
CA ALA B 372 2.72 5.11 6.92
C ALA B 372 4.15 4.64 6.76
N GLN B 373 4.47 3.46 7.29
CA GLN B 373 5.82 2.91 7.13
C GLN B 373 6.07 2.51 5.70
N ARG B 374 5.05 1.97 5.01
CA ARG B 374 5.21 1.65 3.60
C ARG B 374 5.33 2.91 2.75
N SER B 375 4.51 3.93 3.04
CA SER B 375 4.60 5.18 2.29
C SER B 375 5.95 5.85 2.51
N PHE B 376 6.52 5.74 3.71
CA PHE B 376 7.85 6.29 3.95
C PHE B 376 8.91 5.51 3.19
N LEU B 377 8.87 4.18 3.29
CA LEU B 377 9.87 3.35 2.64
C LEU B 377 9.80 3.47 1.12
N ASP B 378 8.60 3.48 0.56
CA ASP B 378 8.46 3.55 -0.89
C ASP B 378 9.01 4.86 -1.44
N ALA B 379 8.64 5.99 -0.81
CA ALA B 379 9.14 7.28 -1.26
C ALA B 379 10.64 7.42 -1.02
N TYR B 380 11.15 6.81 0.05
CA TYR B 380 12.57 6.89 0.34
C TYR B 380 13.40 6.13 -0.67
N ARG B 381 12.94 4.94 -1.08
CA ARG B 381 13.69 4.14 -2.05
C ARG B 381 13.62 4.76 -3.43
N THR B 382 12.44 5.20 -3.86
CA THR B 382 12.31 5.78 -5.20
C THR B 382 13.06 7.10 -5.31
N THR B 383 13.13 7.89 -4.23
CA THR B 383 13.89 9.12 -4.27
C THR B 383 15.39 8.84 -4.33
N LEU B 384 15.85 7.80 -3.64
CA LEU B 384 17.24 7.39 -3.77
C LEU B 384 17.56 6.91 -5.19
N ALA B 385 16.58 6.30 -5.85
CA ALA B 385 16.80 5.87 -7.23
C ALA B 385 16.91 7.06 -8.17
N ARG B 386 16.05 8.07 -7.98
CA ARG B 386 16.12 9.26 -8.81
C ARG B 386 17.39 10.05 -8.53
N LEU B 387 17.94 9.95 -7.33
CA LEU B 387 19.20 10.58 -6.98
C LEU B 387 20.40 9.69 -7.24
N ASP B 388 20.18 8.47 -7.77
CA ASP B 388 21.25 7.52 -8.05
C ASP B 388 22.07 7.22 -6.78
N ALA B 389 21.36 7.02 -5.67
CA ALA B 389 21.98 6.75 -4.38
C ALA B 389 21.37 5.51 -3.75
N ASP B 390 21.07 4.50 -4.57
CA ASP B 390 20.49 3.26 -4.05
C ASP B 390 21.48 2.45 -3.23
N ASP B 391 22.78 2.69 -3.39
CA ASP B 391 23.79 1.86 -2.75
C ASP B 391 23.92 2.12 -1.26
N LEU B 392 23.49 3.27 -0.76
CA LEU B 392 23.69 3.60 0.65
C LEU B 392 22.63 3.01 1.56
N PHE B 393 21.56 2.44 1.02
CA PHE B 393 20.50 1.85 1.82
C PHE B 393 20.58 0.33 1.71
N ASP B 394 20.83 -0.34 2.84
CA ASP B 394 20.91 -1.78 2.91
C ASP B 394 19.71 -2.26 3.74
N ASP B 395 18.68 -2.76 3.06
CA ASP B 395 17.45 -3.17 3.73
C ASP B 395 17.62 -4.45 4.54
N ARG B 396 18.77 -5.13 4.44
CA ARG B 396 19.03 -6.27 5.30
C ARG B 396 19.15 -5.88 6.76
N LEU B 397 19.42 -4.61 7.04
CA LEU B 397 19.52 -4.11 8.40
C LEU B 397 18.18 -3.67 8.99
N LEU B 398 17.09 -3.77 8.21
CA LEU B 398 15.80 -3.28 8.69
C LEU B 398 15.35 -4.03 9.94
N THR B 399 15.18 -5.35 9.82
CA THR B 399 14.68 -6.13 10.96
C THR B 399 15.60 -6.09 12.17
N PRO B 400 16.92 -6.29 12.05
CA PRO B 400 17.75 -6.25 13.27
C PRO B 400 17.80 -4.88 13.92
N LEU B 401 17.93 -3.81 13.13
CA LEU B 401 17.97 -2.48 13.72
C LEU B 401 16.61 -2.06 14.27
N ARG B 402 15.52 -2.48 13.62
CA ARG B 402 14.19 -2.17 14.13
C ARG B 402 13.96 -2.84 15.48
N TYR B 403 14.35 -4.11 15.61
CA TYR B 403 14.25 -4.78 16.90
C TYR B 403 15.09 -4.06 17.95
N ALA B 404 16.30 -3.64 17.59
CA ALA B 404 17.15 -2.93 18.54
C ALA B 404 16.55 -1.57 18.92
N GLN B 405 15.81 -0.94 18.01
CA GLN B 405 15.18 0.33 18.33
C GLN B 405 14.06 0.14 19.36
N GLU B 406 13.28 -0.94 19.23
CA GLU B 406 12.22 -1.19 20.19
C GLU B 406 12.77 -1.57 21.55
N VAL B 407 13.90 -2.28 21.59
CA VAL B 407 14.54 -2.60 22.87
C VAL B 407 14.97 -1.33 23.58
N ARG B 408 15.41 -0.33 22.81
CA ARG B 408 15.76 0.96 23.42
C ARG B 408 14.54 1.67 23.98
N GLU B 409 13.35 1.44 23.39
CA GLU B 409 12.13 2.00 23.96
C GLU B 409 11.86 1.40 25.35
N TYR B 410 12.12 0.11 25.51
CA TYR B 410 12.05 -0.51 26.84
C TYR B 410 13.02 0.16 27.79
N LEU B 411 14.27 0.34 27.37
CA LEU B 411 15.29 0.93 28.24
C LEU B 411 14.96 2.38 28.56
N TYR B 412 14.48 3.15 27.57
CA TYR B 412 14.05 4.51 27.84
C TYR B 412 12.91 4.54 28.84
N ALA B 413 12.01 3.56 28.77
CA ALA B 413 10.86 3.53 29.66
C ALA B 413 11.30 3.33 31.11
N VAL B 414 12.03 2.24 31.37
CA VAL B 414 12.42 1.91 32.74
C VAL B 414 13.31 2.98 33.35
N ARG B 415 13.94 3.81 32.53
CA ARG B 415 14.86 4.85 33.02
C ARG B 415 14.22 6.23 33.14
N HIS B 416 13.21 6.54 32.33
CA HIS B 416 12.69 7.90 32.28
C HIS B 416 11.18 7.97 32.37
N LEU B 417 10.48 6.98 31.82
CA LEU B 417 9.02 7.03 31.71
C LEU B 417 8.49 5.60 31.82
N PRO B 418 8.22 5.13 33.04
CA PRO B 418 7.96 3.68 33.23
C PRO B 418 6.80 3.14 32.42
N HIS B 419 5.70 3.87 32.31
CA HIS B 419 4.54 3.33 31.61
C HIS B 419 4.76 3.20 30.10
N TRP B 420 5.84 3.78 29.57
CA TRP B 420 6.11 3.77 28.14
C TRP B 420 6.39 2.37 27.60
N VAL B 421 6.50 1.36 28.46
CA VAL B 421 6.75 0.00 28.01
C VAL B 421 5.65 -0.52 27.09
N TYR B 422 4.47 0.09 27.12
CA TYR B 422 3.38 -0.37 26.27
C TYR B 422 3.68 -0.15 24.79
N VAL B 423 4.53 0.83 24.48
CA VAL B 423 4.80 1.19 23.09
C VAL B 423 5.63 0.10 22.42
N PRO B 424 6.82 -0.29 22.93
CA PRO B 424 7.54 -1.38 22.27
C PRO B 424 6.82 -2.72 22.39
N ASP B 425 6.01 -2.90 23.43
CA ASP B 425 5.24 -4.14 23.56
C ASP B 425 4.23 -4.29 22.42
N LEU B 426 3.51 -3.22 22.10
CA LEU B 426 2.54 -3.29 21.01
C LEU B 426 3.21 -3.33 19.65
N SER B 427 4.37 -2.68 19.51
CA SER B 427 5.08 -2.69 18.23
CA SER B 427 5.08 -2.69 18.23
C SER B 427 5.64 -4.07 17.92
N LEU B 428 6.26 -4.71 18.91
CA LEU B 428 6.80 -6.05 18.68
C LEU B 428 5.70 -7.08 18.53
N THR B 429 4.54 -6.85 19.15
CA THR B 429 3.42 -7.78 19.02
C THR B 429 2.97 -7.91 17.57
N ASP B 430 2.93 -6.81 16.84
CA ASP B 430 2.54 -6.84 15.44
C ASP B 430 3.71 -7.11 14.50
N LEU B 431 4.95 -7.04 14.98
CA LEU B 431 6.12 -7.15 14.13
C LEU B 431 6.85 -8.48 14.26
N LEU B 432 7.02 -8.99 15.49
CA LEU B 432 7.86 -10.17 15.68
C LEU B 432 7.24 -11.43 15.10
N PRO B 433 5.98 -11.81 15.40
CA PRO B 433 5.45 -13.06 14.84
C PRO B 433 5.33 -13.04 13.33
N GLU B 434 5.13 -11.86 12.73
CA GLU B 434 5.08 -11.78 11.27
C GLU B 434 6.44 -12.02 10.66
N ARG B 435 7.49 -11.40 11.22
CA ARG B 435 8.84 -11.62 10.72
C ARG B 435 9.37 -13.01 11.05
N LEU B 436 8.85 -13.64 12.11
CA LEU B 436 9.29 -14.99 12.46
C LEU B 436 8.71 -16.03 11.51
N LYS B 437 7.49 -15.79 11.01
CA LYS B 437 6.88 -16.72 10.06
C LYS B 437 7.64 -16.76 8.74
N ASP B 438 8.23 -15.64 8.34
CA ASP B 438 9.01 -15.61 7.10
C ASP B 438 10.33 -16.35 7.27
N LYS B 439 10.98 -16.18 8.43
CA LYS B 439 12.25 -16.86 8.66
C LYS B 439 12.08 -18.37 8.74
N LEU B 440 10.91 -18.84 9.19
CA LEU B 440 10.61 -20.26 9.25
C LEU B 440 10.04 -20.81 7.95
N ALA B 441 10.17 -20.06 6.85
CA ALA B 441 9.67 -20.51 5.56
C ALA B 441 10.78 -20.51 4.51
CL CL C . -32.10 2.03 -7.80
C1 BTB D . -12.93 -14.34 6.24
O1 BTB D . -12.08 -13.20 6.12
C2 BTB D . -12.62 -15.14 7.50
C3 BTB D . -13.84 -15.97 7.86
O3 BTB D . -13.70 -16.48 9.19
C4 BTB D . -12.30 -14.23 8.68
O4 BTB D . -12.63 -12.88 8.35
N BTB D . -11.48 -16.07 7.25
C5 BTB D . -11.65 -16.77 5.97
C6 BTB D . -11.45 -18.27 6.17
O6 BTB D . -10.07 -18.58 5.94
C7 BTB D . -10.20 -15.34 7.22
C8 BTB D . -9.20 -16.01 8.16
O8 BTB D . -9.83 -17.12 8.81
C1 PEG E . -9.69 2.17 -14.64
O1 PEG E . -11.02 2.66 -14.87
C2 PEG E . -9.03 1.80 -15.96
O2 PEG E . -7.94 0.92 -15.72
C3 PEG E . -7.56 0.22 -16.91
C4 PEG E . -6.71 -0.99 -16.54
O4 PEG E . -6.48 -1.77 -17.72
C1 PEG F . -25.73 1.84 13.86
O1 PEG F . -24.61 2.69 14.14
C2 PEG F . -25.45 0.45 14.40
O2 PEG F . -26.46 -0.45 13.93
C3 PEG F . -26.32 -1.76 14.49
C4 PEG F . -27.37 -2.67 13.88
O4 PEG F . -28.66 -2.07 13.98
C1 PEG G . -15.18 -38.25 -28.94
O1 PEG G . -14.28 -37.34 -29.56
C2 PEG G . -15.13 -39.59 -29.67
O2 PEG G . -15.41 -39.39 -31.05
C3 PEG G . -15.25 -40.59 -31.80
C4 PEG G . -15.57 -40.33 -33.26
O4 PEG G . -14.68 -39.32 -33.77
CL CL H . 2.12 7.96 26.62
PB ADP I . 17.25 17.98 21.55
O1B ADP I . 16.11 17.01 21.72
O2B ADP I . 18.13 17.68 20.36
O3B ADP I . 18.01 18.32 22.80
PA ADP I . 16.13 19.69 19.63
O1A ADP I . 15.53 18.43 19.02
O2A ADP I . 17.30 20.37 18.96
O3A ADP I . 16.50 19.35 21.16
O5' ADP I . 14.93 20.74 19.84
C5' ADP I . 13.79 20.34 20.59
C4' ADP I . 12.55 21.00 20.03
O4' ADP I . 12.83 22.35 19.64
C3' ADP I . 12.04 20.28 18.79
O3' ADP I . 10.88 19.50 19.11
C2' ADP I . 11.71 21.36 17.78
O2' ADP I . 10.30 21.37 17.54
C1' ADP I . 12.13 22.67 18.43
N9 ADP I . 13.05 23.39 17.52
C8 ADP I . 14.35 23.09 17.30
N7 ADP I . 14.91 23.94 16.40
C5 ADP I . 13.96 24.80 16.02
C6 ADP I . 13.87 25.96 15.09
N6 ADP I . 14.94 26.36 14.37
N1 ADP I . 12.68 26.59 14.98
C2 ADP I . 11.60 26.20 15.69
N3 ADP I . 11.61 25.16 16.55
C4 ADP I . 12.73 24.44 16.75
MG MG J . 15.60 16.34 19.46
MG MG K . 19.17 15.71 20.32
P PO4 L . 16.23 13.97 21.52
O1 PO4 L . 15.65 14.47 22.82
O2 PO4 L . 15.38 14.45 20.37
O3 PO4 L . 16.24 12.45 21.53
O4 PO4 L . 17.64 14.48 21.37
C1 GCS M . 13.58 8.79 20.93
C2 GCS M . 13.72 7.78 22.05
C3 GCS M . 12.70 8.01 23.17
C4 GCS M . 11.42 8.66 22.64
C5 GCS M . 11.71 9.95 21.89
C6 GCS M . 11.47 11.16 22.81
N2 GCS M . 13.57 6.45 21.52
O1 GCS M . 14.87 9.04 20.34
O3 GCS M . 13.26 8.84 24.17
O4 GCS M . 10.71 7.73 21.79
O5 GCS M . 13.05 10.03 21.42
O6 GCS M . 12.56 11.30 23.71
#